data_8Y03
#
_entry.id   8Y03
#
_cell.length_a   168.259
_cell.length_b   83.221
_cell.length_c   124.304
_cell.angle_alpha   90.000
_cell.angle_beta   106.208
_cell.angle_gamma   90.000
#
_symmetry.space_group_name_H-M   'C 1 2 1'
#
loop_
_entity.id
_entity.type
_entity.pdbx_description
1 polymer LbCas12a
2 polymer 'RNA (41-MER)'
3 non-polymer 'MAGNESIUM ION'
#
loop_
_entity_poly.entity_id
_entity_poly.type
_entity_poly.pdbx_seq_one_letter_code
_entity_poly.pdbx_strand_id
1 'polypeptide(L)'
;MSKLEKFTNCYSLSKTLRFKAIPVGKTQENIDNKRLLVEDEKRAEDYKGVKKLLDRYYLSFINDVLHSIKLKNLNNYISL
FRKKTRTEKENKELENLEINLRKEIAKAFKGNEGYKSLFKKDIIETILPEFLDDKDEIALVNSFNGFTTAFTGFFDNREN
MFSEEAKSTSIAFRCINENLTRYISNMDIFEKVDAIFDKHEVQEIKEKILNSDYDVEDFFEGEFFNFVLTQEGIDVYNAI
IGGFVTESGEKIKGLNEYINLYNQKTKQKLPKFKPLYKQVLSDRESLSFYGEGYTSDEEVLEVFRNTLNKNSEIFSSIKK
LEKLFKNFDEYSSAGIFVKNGPAISTISKDIFGEWNVIRDKWNAEYDDIHLKKKAVVTEKYEDDRRKSFKKIGSFSLEQL
QEYADADLSVVEKLKEIIIQKVDEIYKVYGSSEKLFDADFVLEKSLKKNDAVVAIMKDLLDSVKSFENYIKAFFGEGKET
NRDESFYGDFVLAYDILLKVDHIYDAIRNYVTQKPYSKDKFKLYFQNPQFMGGWDKDKETDYRATILRYGSKYYLAIMDK
KYAKCLQKIDKDDVNGNYEKINYKLLPGPNKMLPKVFFSKKWMAYYNPSEDIQKIYKNGTFKKGDMFNLNDCHKLIDFFK
DSISRYPKWSNAYDFNFSETEKYKDIAGFYREVEEQGYKVSFESASKKEVDKLVEEGKLYMFQIYNKDFSDKSHGTPNLH
TMYFKLLFDENNHGQIRLSGGAELFMRRASLKKEELVVHPANSPIANKNPDNPKKTTTLSYDVYKDKRFSEDQYELHIPI
AINKCPKNIFKINTEVRVLLKHDDNPYVIGIDRGERNLLYIVVVDGKGNIVEQYSLNEIINNFNGIRIKTDYHSLLDKKE
KERFEARQNWTSIENIKELKAGYISQVVHKICELVEKYDAVIALEDLNSGFKNSRVKVEKQVYQKFEKMLIDKLNYMVDK
KSNPCATGGALKGYQITNKFESFKSMSTQNGFIFYIPAWLTSKIDPSTGFVNLLKTKYTSIADSKKFISSFDRIMYVPEE
DLFEFALDYKNFSRTDADYIKKWKLYSYGNRIRIFRNPKKNNVFDWEEVCLTSAYKELFNKYGINYQQGDIRALLCEQSD
KAFYSSFMALMSLMLQMRNSITGRTDVDFLISPVKNSDGIFYDSRNYEAQENAILPKNADANGAYNIARKVLWAIGQFKK
AEDEKLDKVKIAISNKEWLEYAQTSVKH
;
A
2 'polyribonucleotide' AAUUUCUACUAAGUGUAGAUCGCAUCCAGUAAAGCGGCAC G
#
loop_
_chem_comp.id
_chem_comp.type
_chem_comp.name
_chem_comp.formula
A RNA linking ADENOSINE-5'-MONOPHOSPHATE 'C10 H14 N5 O7 P'
C RNA linking CYTIDINE-5'-MONOPHOSPHATE 'C9 H14 N3 O8 P'
G RNA linking GUANOSINE-5'-MONOPHOSPHATE 'C10 H14 N5 O8 P'
MG non-polymer 'MAGNESIUM ION' 'Mg 2'
U RNA linking URIDINE-5'-MONOPHOSPHATE 'C9 H13 N2 O9 P'
#
# COMPACT_ATOMS: atom_id res chain seq x y z
N MET A 1 -13.77 -28.86 -21.37
CA MET A 1 -12.59 -28.30 -20.73
C MET A 1 -13.02 -27.43 -19.57
N SER A 2 -12.16 -27.30 -18.57
CA SER A 2 -12.42 -26.41 -17.48
C SER A 2 -12.24 -24.98 -17.94
N LYS A 3 -13.07 -24.06 -17.46
CA LYS A 3 -12.91 -22.66 -17.78
C LYS A 3 -11.47 -22.25 -17.61
N LEU A 4 -10.81 -22.88 -16.65
CA LEU A 4 -9.41 -22.61 -16.32
C LEU A 4 -8.46 -22.94 -17.47
N GLU A 5 -8.82 -23.93 -18.26
CA GLU A 5 -7.95 -24.50 -19.29
C GLU A 5 -7.50 -23.51 -20.34
N LYS A 6 -8.34 -22.55 -20.62
CA LYS A 6 -8.18 -21.66 -21.74
C LYS A 6 -7.24 -20.53 -21.37
N PHE A 7 -6.64 -20.62 -20.19
CA PHE A 7 -5.83 -19.52 -19.70
C PHE A 7 -4.40 -19.97 -19.44
N THR A 8 -3.68 -20.18 -20.52
CA THR A 8 -2.28 -20.52 -20.49
C THR A 8 -1.60 -19.72 -21.58
N ASN A 9 -0.32 -19.48 -21.45
CA ASN A 9 0.42 -18.88 -22.55
C ASN A 9 -0.19 -17.60 -23.02
N CYS A 10 -0.62 -16.77 -22.09
CA CYS A 10 -1.40 -15.58 -22.43
C CYS A 10 -0.56 -14.32 -22.59
N TYR A 11 0.28 -14.05 -21.60
CA TYR A 11 1.21 -12.93 -21.68
C TYR A 11 2.49 -13.25 -20.92
N SER A 12 3.56 -12.58 -21.31
CA SER A 12 4.86 -12.81 -20.75
C SER A 12 4.97 -12.13 -19.41
N LEU A 13 5.87 -12.64 -18.58
CA LEU A 13 6.00 -12.14 -17.24
C LEU A 13 7.46 -12.37 -16.92
N SER A 14 8.06 -11.47 -16.15
CA SER A 14 9.47 -11.65 -15.86
C SER A 14 9.70 -11.69 -14.36
N LYS A 15 10.61 -12.57 -13.91
CA LYS A 15 10.94 -12.74 -12.50
C LYS A 15 12.43 -12.88 -12.28
N THR A 16 12.90 -12.52 -11.10
CA THR A 16 14.29 -12.81 -10.79
C THR A 16 14.45 -13.74 -9.58
N LEU A 17 15.17 -14.84 -9.81
CA LEU A 17 15.46 -15.82 -8.76
C LEU A 17 16.74 -15.43 -8.08
N ARG A 18 16.76 -15.54 -6.75
CA ARG A 18 17.98 -15.31 -5.99
C ARG A 18 18.57 -16.63 -5.49
N PHE A 19 19.90 -16.67 -5.43
CA PHE A 19 20.58 -17.80 -4.84
C PHE A 19 21.78 -17.31 -4.03
N LYS A 20 22.30 -18.21 -3.21
CA LYS A 20 23.56 -18.03 -2.51
C LYS A 20 24.60 -18.48 -3.52
N ALA A 21 25.79 -17.86 -3.52
CA ALA A 21 26.88 -18.33 -4.36
C ALA A 21 28.07 -18.81 -3.51
N ILE A 22 28.26 -20.13 -3.40
CA ILE A 22 29.29 -20.68 -2.49
C ILE A 22 30.66 -20.83 -3.16
N PRO A 23 31.61 -19.95 -2.81
CA PRO A 23 32.95 -19.99 -3.43
C PRO A 23 33.55 -21.37 -3.24
N VAL A 24 34.06 -21.95 -4.32
CA VAL A 24 34.68 -23.28 -4.32
C VAL A 24 36.20 -23.19 -4.37
N GLY A 25 36.88 -23.88 -3.45
CA GLY A 25 38.31 -24.11 -3.58
C GLY A 25 39.20 -22.98 -3.13
N LYS A 26 40.02 -22.47 -4.04
CA LYS A 26 40.98 -21.42 -3.69
C LYS A 26 40.52 -20.07 -4.20
N THR A 27 39.35 -20.08 -4.84
CA THR A 27 38.65 -18.89 -5.31
C THR A 27 38.68 -17.71 -4.35
N GLN A 28 38.25 -17.95 -3.11
CA GLN A 28 38.21 -16.90 -2.11
C GLN A 28 39.61 -16.34 -1.82
N GLU A 29 40.59 -17.23 -1.66
CA GLU A 29 41.98 -16.82 -1.47
C GLU A 29 42.47 -15.92 -2.61
N ASN A 30 42.19 -16.36 -3.84
CA ASN A 30 42.58 -15.59 -5.02
C ASN A 30 41.89 -14.24 -5.04
N ILE A 31 40.57 -14.24 -4.82
CA ILE A 31 39.79 -13.01 -4.74
C ILE A 31 40.38 -12.01 -3.74
N ASP A 32 40.76 -12.50 -2.55
CA ASP A 32 41.40 -11.65 -1.55
C ASP A 32 42.79 -11.19 -1.96
N ASN A 33 43.63 -12.12 -2.41
CA ASN A 33 44.99 -11.76 -2.78
C ASN A 33 44.98 -10.71 -3.89
N LYS A 34 44.20 -10.98 -4.93
CA LYS A 34 44.12 -10.08 -6.07
C LYS A 34 43.26 -8.86 -5.73
N ARG A 35 42.73 -8.86 -4.50
CA ARG A 35 42.07 -7.69 -3.96
C ARG A 35 40.91 -7.19 -4.81
N LEU A 36 40.26 -8.11 -5.51
CA LEU A 36 39.20 -7.77 -6.46
C LEU A 36 38.02 -7.04 -5.81
N LEU A 37 37.71 -7.40 -4.58
CA LEU A 37 36.50 -6.94 -3.89
C LEU A 37 36.51 -5.48 -3.51
N VAL A 38 37.61 -5.04 -2.90
CA VAL A 38 37.68 -3.73 -2.25
C VAL A 38 37.26 -2.57 -3.16
N GLU A 39 37.55 -2.69 -4.46
CA GLU A 39 37.07 -1.74 -5.45
C GLU A 39 35.56 -1.51 -5.31
N ASP A 40 34.82 -2.61 -5.27
CA ASP A 40 33.36 -2.53 -5.21
C ASP A 40 32.85 -2.14 -3.83
N GLU A 41 33.68 -2.35 -2.81
CA GLU A 41 33.28 -2.08 -1.45
C GLU A 41 33.42 -0.60 -1.08
N LYS A 42 34.52 0.04 -1.49
CA LYS A 42 34.66 1.46 -1.19
C LYS A 42 33.66 2.30 -1.95
N ARG A 43 33.36 1.91 -3.19
CA ARG A 43 32.34 2.58 -3.97
C ARG A 43 31.05 2.60 -3.16
N ALA A 44 30.78 1.46 -2.51
CA ALA A 44 29.64 1.32 -1.63
C ALA A 44 29.69 2.30 -0.45
N GLU A 45 30.90 2.53 0.05
CA GLU A 45 31.13 3.53 1.09
C GLU A 45 30.91 4.97 0.60
N ASP A 46 31.53 5.32 -0.52
CA ASP A 46 31.45 6.70 -1.02
C ASP A 46 30.18 7.03 -1.79
N TYR A 47 29.35 6.02 -2.04
CA TYR A 47 28.07 6.23 -2.71
C TYR A 47 27.32 7.37 -2.03
N LYS A 48 27.12 7.24 -0.72
CA LYS A 48 26.43 8.27 0.05
C LYS A 48 27.11 9.64 -0.08
N GLY A 49 28.42 9.63 -0.22
CA GLY A 49 29.21 10.85 -0.32
C GLY A 49 28.94 11.56 -1.63
N VAL A 50 29.05 10.81 -2.72
CA VAL A 50 28.79 11.37 -4.05
C VAL A 50 27.35 11.91 -4.17
N LYS A 51 26.42 11.23 -3.51
CA LYS A 51 25.02 11.67 -3.52
C LYS A 51 24.88 13.09 -3.00
N LYS A 52 25.68 13.42 -1.99
CA LYS A 52 25.62 14.75 -1.39
C LYS A 52 26.16 15.78 -2.37
N LEU A 53 27.19 15.39 -3.12
CA LEU A 53 27.75 16.26 -4.13
C LEU A 53 26.80 16.45 -5.31
N LEU A 54 26.02 15.42 -5.62
CA LEU A 54 24.98 15.57 -6.65
C LEU A 54 23.90 16.55 -6.19
N ASP A 55 23.48 16.43 -4.93
CA ASP A 55 22.57 17.40 -4.32
C ASP A 55 23.17 18.81 -4.33
N ARG A 56 24.49 18.92 -4.30
CA ARG A 56 25.11 20.22 -4.30
C ARG A 56 24.85 20.90 -5.63
N TYR A 57 25.26 20.26 -6.72
CA TYR A 57 25.04 20.82 -8.05
C TYR A 57 23.56 21.03 -8.37
N TYR A 58 22.73 20.14 -7.86
CA TYR A 58 21.30 20.26 -8.04
C TYR A 58 20.80 21.56 -7.40
N LEU A 59 21.39 21.93 -6.26
CA LEU A 59 20.95 23.10 -5.53
C LEU A 59 21.48 24.41 -6.12
N SER A 60 22.66 24.34 -6.73
CA SER A 60 23.18 25.46 -7.50
C SER A 60 22.32 25.63 -8.74
N PHE A 61 21.94 24.51 -9.34
CA PHE A 61 21.08 24.54 -10.52
C PHE A 61 19.73 25.18 -10.21
N ILE A 62 19.00 24.59 -9.26
CA ILE A 62 17.72 25.13 -8.81
C ILE A 62 17.81 26.65 -8.55
N ASN A 63 18.97 27.07 -8.06
CA ASN A 63 19.19 28.49 -7.84
C ASN A 63 19.75 29.27 -9.03
N ASP A 64 19.84 28.64 -10.20
CA ASP A 64 20.15 29.39 -11.41
C ASP A 64 18.82 29.71 -12.06
N VAL A 65 17.94 28.72 -12.06
CA VAL A 65 16.62 28.89 -12.66
C VAL A 65 15.79 29.86 -11.83
N LEU A 66 15.92 29.78 -10.50
CA LEU A 66 15.09 30.59 -9.62
C LEU A 66 15.48 32.07 -9.56
N HIS A 67 16.77 32.37 -9.71
CA HIS A 67 17.21 33.76 -9.80
C HIS A 67 16.67 34.44 -11.04
N SER A 68 16.27 33.64 -12.02
CA SER A 68 16.03 34.13 -13.37
C SER A 68 14.56 34.20 -13.73
N ILE A 69 13.69 34.02 -12.75
CA ILE A 69 12.28 33.84 -13.06
C ILE A 69 11.33 34.97 -12.66
N LYS A 70 10.47 35.34 -13.60
CA LYS A 70 9.37 36.26 -13.34
C LYS A 70 8.02 35.60 -13.67
N LEU A 71 7.26 35.28 -12.63
CA LEU A 71 5.94 34.67 -12.80
C LEU A 71 4.94 35.65 -13.41
N LYS A 72 4.42 35.31 -14.59
CA LYS A 72 3.44 36.16 -15.27
C LYS A 72 2.02 35.91 -14.76
N ASN A 73 1.71 34.63 -14.60
CA ASN A 73 0.46 34.18 -14.02
C ASN A 73 0.18 34.81 -12.64
N LEU A 74 1.25 35.17 -11.95
CA LEU A 74 1.21 35.64 -10.57
C LEU A 74 0.30 36.85 -10.30
N ASN A 75 0.50 37.93 -11.04
CA ASN A 75 -0.12 39.20 -10.69
C ASN A 75 -1.65 39.18 -10.74
N ASN A 76 -2.19 38.46 -11.70
CA ASN A 76 -3.62 38.26 -11.69
C ASN A 76 -3.91 37.48 -10.41
N TYR A 77 -3.00 36.56 -10.13
CA TYR A 77 -3.11 35.61 -9.04
C TYR A 77 -3.18 36.31 -7.70
N ILE A 78 -2.35 37.31 -7.50
CA ILE A 78 -2.37 38.03 -6.23
C ILE A 78 -3.69 38.76 -6.03
N SER A 79 -4.17 39.43 -7.07
CA SER A 79 -5.40 40.19 -7.00
C SER A 79 -6.60 39.28 -6.75
N LEU A 80 -6.60 38.14 -7.41
CA LEU A 80 -7.61 37.13 -7.16
C LEU A 80 -7.51 36.59 -5.73
N PHE A 81 -6.29 36.36 -5.27
CA PHE A 81 -6.10 35.77 -3.95
C PHE A 81 -6.66 36.69 -2.90
N ARG A 82 -6.43 37.99 -3.07
CA ARG A 82 -6.90 38.99 -2.13
C ARG A 82 -8.31 39.44 -2.51
N LYS A 83 -8.84 38.84 -3.58
CA LYS A 83 -10.17 39.14 -4.04
C LYS A 83 -11.17 38.76 -2.97
N LYS A 84 -10.72 37.97 -2.00
CA LYS A 84 -11.57 37.61 -0.88
C LYS A 84 -12.63 36.67 -1.37
N THR A 85 -12.33 35.97 -2.46
CA THR A 85 -13.23 34.96 -2.96
C THR A 85 -14.58 35.56 -3.30
N ARG A 86 -15.63 35.03 -2.68
CA ARG A 86 -16.96 35.22 -3.26
C ARG A 86 -17.39 34.03 -4.15
N THR A 87 -16.57 32.98 -4.15
CA THR A 87 -16.95 31.63 -4.59
C THR A 87 -17.83 31.53 -5.85
N GLU A 88 -18.87 30.72 -5.78
CA GLU A 88 -19.77 30.43 -6.90
C GLU A 88 -19.00 29.89 -8.10
N LYS A 89 -17.92 29.18 -7.81
CA LYS A 89 -16.98 28.72 -8.83
C LYS A 89 -16.43 29.86 -9.71
N GLU A 90 -16.47 31.09 -9.20
CA GLU A 90 -15.70 32.18 -9.79
C GLU A 90 -14.26 31.90 -9.42
N ASN A 91 -14.09 31.31 -8.23
CA ASN A 91 -12.79 30.91 -7.72
C ASN A 91 -12.22 29.73 -8.52
N LYS A 92 -13.12 28.98 -9.15
CA LYS A 92 -12.70 27.89 -10.03
C LYS A 92 -11.80 28.40 -11.15
N GLU A 93 -12.16 29.56 -11.71
CA GLU A 93 -11.33 30.24 -12.68
C GLU A 93 -9.91 30.33 -12.13
N LEU A 94 -9.80 30.74 -10.87
CA LEU A 94 -8.50 30.89 -10.19
C LEU A 94 -7.75 29.58 -9.95
N GLU A 95 -8.47 28.54 -9.53
CA GLU A 95 -7.82 27.26 -9.20
C GLU A 95 -7.12 26.66 -10.41
N ASN A 96 -7.46 27.14 -11.60
CA ASN A 96 -6.78 26.76 -12.82
C ASN A 96 -5.62 27.71 -13.08
N LEU A 97 -5.70 28.90 -12.49
CA LEU A 97 -4.60 29.85 -12.54
C LEU A 97 -3.46 29.35 -11.64
N GLU A 98 -3.83 28.73 -10.52
CA GLU A 98 -2.84 28.17 -9.59
C GLU A 98 -1.95 27.16 -10.31
N ILE A 99 -2.57 26.11 -10.87
CA ILE A 99 -1.86 25.02 -11.54
C ILE A 99 -0.85 25.55 -12.55
N ASN A 100 -1.22 26.63 -13.23
CA ASN A 100 -0.34 27.24 -14.22
C ASN A 100 0.82 28.03 -13.61
N LEU A 101 0.75 28.28 -12.30
CA LEU A 101 1.89 28.89 -11.62
C LEU A 101 2.96 27.83 -11.42
N ARG A 102 2.53 26.62 -11.05
CA ARG A 102 3.44 25.48 -10.91
C ARG A 102 3.93 25.03 -12.29
N LYS A 103 3.04 25.15 -13.28
CA LYS A 103 3.36 24.80 -14.66
C LYS A 103 4.50 25.67 -15.17
N GLU A 104 4.46 26.95 -14.81
CA GLU A 104 5.44 27.93 -15.26
C GLU A 104 6.81 27.69 -14.62
N ILE A 105 6.80 27.11 -13.41
CA ILE A 105 8.03 26.82 -12.70
C ILE A 105 8.70 25.57 -13.25
N ALA A 106 7.91 24.51 -13.41
CA ALA A 106 8.41 23.26 -13.96
C ALA A 106 9.05 23.48 -15.33
N LYS A 107 8.30 24.15 -16.21
CA LYS A 107 8.77 24.41 -17.56
C LYS A 107 10.03 25.28 -17.59
N ALA A 108 10.19 26.14 -16.59
CA ALA A 108 11.38 27.00 -16.52
C ALA A 108 12.65 26.21 -16.18
N PHE A 109 12.48 25.17 -15.37
CA PHE A 109 13.56 24.21 -15.10
C PHE A 109 13.92 23.50 -16.40
N LYS A 110 12.98 22.71 -16.91
CA LYS A 110 13.17 21.97 -18.15
C LYS A 110 13.60 22.84 -19.34
N GLY A 111 12.83 23.89 -19.59
CA GLY A 111 13.00 24.74 -20.76
C GLY A 111 14.38 25.16 -21.21
N ASN A 112 15.27 25.39 -20.23
CA ASN A 112 16.55 26.03 -20.46
C ASN A 112 17.69 25.66 -19.49
N GLU A 113 18.87 26.20 -19.80
CA GLU A 113 20.07 26.12 -18.95
C GLU A 113 20.72 24.75 -18.70
N GLY A 114 20.75 23.88 -19.69
CA GLY A 114 21.43 22.61 -19.50
C GLY A 114 20.90 21.76 -18.36
N TYR A 115 19.58 21.71 -18.27
CA TYR A 115 18.87 20.76 -17.42
C TYR A 115 19.13 19.34 -17.93
N LYS A 116 19.31 19.22 -19.24
CA LYS A 116 19.33 17.93 -19.90
C LYS A 116 20.43 17.02 -19.40
N SER A 117 21.61 17.56 -19.13
CA SER A 117 22.68 16.72 -18.59
C SER A 117 22.56 16.62 -17.07
N LEU A 118 21.48 16.00 -16.59
CA LEU A 118 21.25 15.91 -15.15
C LEU A 118 21.14 14.50 -14.55
N PHE A 119 20.40 13.61 -15.20
CA PHE A 119 20.21 12.26 -14.68
C PHE A 119 20.75 11.22 -15.66
N LYS A 120 21.59 11.67 -16.59
CA LYS A 120 22.27 10.76 -17.52
C LYS A 120 23.75 10.64 -17.17
N LYS A 121 24.46 9.76 -17.87
CA LYS A 121 25.84 9.41 -17.52
C LYS A 121 26.83 10.58 -17.44
N ASP A 122 26.52 11.69 -18.10
CA ASP A 122 27.47 12.80 -18.23
C ASP A 122 27.53 13.75 -17.04
N ILE A 123 26.69 13.51 -16.03
CA ILE A 123 26.63 14.37 -14.83
C ILE A 123 27.78 14.11 -13.85
N ILE A 124 28.21 12.86 -13.74
CA ILE A 124 29.32 12.55 -12.86
C ILE A 124 30.58 12.35 -13.68
N GLU A 125 30.40 12.11 -14.97
CA GLU A 125 31.53 11.99 -15.89
C GLU A 125 32.30 13.31 -15.93
N THR A 126 31.62 14.37 -16.36
CA THR A 126 32.27 15.66 -16.56
C THR A 126 31.66 16.80 -15.75
N ILE A 127 30.34 16.79 -15.62
CA ILE A 127 29.66 17.95 -15.05
C ILE A 127 30.01 18.19 -13.59
N LEU A 128 29.99 17.12 -12.78
CA LEU A 128 30.38 17.23 -11.38
C LEU A 128 31.87 17.58 -11.22
N PRO A 129 32.76 16.99 -12.04
CA PRO A 129 34.17 17.43 -12.00
C PRO A 129 34.44 18.92 -12.31
N GLU A 130 33.69 19.54 -13.22
CA GLU A 130 33.93 20.96 -13.55
C GLU A 130 33.27 21.91 -12.54
N PHE A 131 32.19 21.49 -11.91
CA PHE A 131 31.64 22.23 -10.78
C PHE A 131 32.58 22.01 -9.59
N LEU A 132 32.48 22.88 -8.59
CA LEU A 132 33.32 22.89 -7.38
C LEU A 132 34.30 21.72 -7.18
N LYS A 135 38.78 18.58 -4.78
CA LYS A 135 39.91 17.64 -4.89
C LYS A 135 39.64 16.36 -4.12
N ASP A 136 39.31 16.49 -2.83
CA ASP A 136 38.88 15.36 -2.01
C ASP A 136 37.45 14.97 -2.39
N GLU A 137 36.84 15.80 -3.23
CA GLU A 137 35.48 15.56 -3.69
C GLU A 137 35.45 15.20 -5.17
N ILE A 138 36.35 15.79 -5.96
CA ILE A 138 36.47 15.42 -7.37
C ILE A 138 36.90 13.96 -7.44
N ALA A 139 37.77 13.58 -6.52
CA ALA A 139 38.33 12.24 -6.48
C ALA A 139 37.27 11.16 -6.28
N LEU A 140 36.33 11.39 -5.38
CA LEU A 140 35.26 10.41 -5.10
C LEU A 140 34.34 10.15 -6.30
N VAL A 141 34.06 11.22 -7.04
CA VAL A 141 33.24 11.16 -8.25
C VAL A 141 33.88 10.39 -9.39
N ASN A 142 35.19 10.52 -9.51
CA ASN A 142 35.93 9.88 -10.58
C ASN A 142 35.76 8.39 -10.49
N SER A 143 35.70 7.90 -9.27
CA SER A 143 35.67 6.48 -8.98
C SER A 143 34.48 5.81 -9.64
N PHE A 144 33.37 6.53 -9.68
CA PHE A 144 32.09 5.99 -10.16
C PHE A 144 31.90 5.74 -11.65
N ASN A 145 32.82 6.21 -12.49
CA ASN A 145 32.65 6.21 -13.94
C ASN A 145 32.40 4.81 -14.52
N GLY A 146 31.48 4.70 -15.49
CA GLY A 146 31.15 3.41 -16.07
C GLY A 146 30.39 2.56 -15.07
N PHE A 147 30.13 3.15 -13.91
CA PHE A 147 29.38 2.48 -12.84
C PHE A 147 28.20 3.35 -12.42
N THR A 148 27.70 4.12 -13.38
CA THR A 148 26.61 5.04 -13.17
C THR A 148 25.31 4.36 -12.70
N THR A 149 25.28 3.03 -12.76
CA THR A 149 24.17 2.20 -12.29
C THR A 149 23.74 2.58 -10.88
N ALA A 150 24.72 2.83 -10.02
CA ALA A 150 24.51 3.09 -8.60
C ALA A 150 23.44 4.14 -8.28
N PHE A 151 23.26 5.09 -9.19
CA PHE A 151 22.50 6.27 -8.87
C PHE A 151 21.11 6.29 -9.48
N THR A 152 20.71 5.17 -10.07
CA THR A 152 19.45 5.15 -10.80
C THR A 152 18.22 5.34 -9.89
N GLY A 153 18.19 4.62 -8.77
CA GLY A 153 17.09 4.76 -7.82
C GLY A 153 17.10 6.15 -7.22
N PHE A 154 18.30 6.68 -7.00
CA PHE A 154 18.47 8.04 -6.55
C PHE A 154 17.98 9.01 -7.61
N PHE A 155 18.30 8.72 -8.87
CA PHE A 155 17.96 9.60 -9.99
C PHE A 155 16.46 9.75 -10.18
N ASP A 156 15.72 8.68 -9.94
CA ASP A 156 14.27 8.75 -10.04
C ASP A 156 13.69 9.57 -8.89
N ASN A 157 14.26 9.38 -7.70
CA ASN A 157 13.75 10.07 -6.51
C ASN A 157 13.91 11.59 -6.60
N ARG A 158 14.87 12.02 -7.42
CA ARG A 158 15.23 13.44 -7.47
C ARG A 158 14.59 14.24 -8.62
N GLU A 159 14.16 13.57 -9.67
CA GLU A 159 13.53 14.24 -10.80
C GLU A 159 12.06 14.57 -10.51
N ASN A 160 11.55 14.08 -9.39
CA ASN A 160 10.21 14.41 -8.95
C ASN A 160 10.18 15.79 -8.30
N MET A 161 11.38 16.33 -8.16
CA MET A 161 11.68 17.66 -7.61
C MET A 161 11.07 18.75 -8.45
N PHE A 162 11.05 18.51 -9.74
CA PHE A 162 10.76 19.56 -10.72
C PHE A 162 9.42 19.39 -11.43
N SER A 163 8.55 18.52 -10.92
CA SER A 163 7.26 18.30 -11.57
C SER A 163 6.27 19.42 -11.26
N GLU A 164 5.09 19.34 -11.85
CA GLU A 164 3.97 20.19 -11.48
C GLU A 164 3.05 19.37 -10.58
N GLU A 165 3.56 18.24 -10.12
CA GLU A 165 2.78 17.18 -9.46
C GLU A 165 1.88 17.55 -8.29
N ALA A 166 1.95 18.80 -7.83
CA ALA A 166 1.22 19.23 -6.63
C ALA A 166 1.52 18.30 -5.45
N LYS A 167 2.74 17.79 -5.40
CA LYS A 167 3.16 16.95 -4.29
C LYS A 167 4.10 17.75 -3.39
N SER A 168 4.22 17.32 -2.14
CA SER A 168 5.14 17.96 -1.21
C SER A 168 6.59 17.71 -1.65
N THR A 169 6.79 16.82 -2.61
CA THR A 169 8.08 16.66 -3.25
C THR A 169 8.42 17.88 -4.11
N SER A 170 7.45 18.34 -4.90
CA SER A 170 7.69 19.38 -5.92
C SER A 170 8.16 20.73 -5.39
N ILE A 171 9.19 21.28 -6.02
CA ILE A 171 9.67 22.62 -5.68
C ILE A 171 8.58 23.65 -5.96
N ALA A 172 8.00 23.56 -7.16
CA ALA A 172 6.90 24.41 -7.56
C ALA A 172 5.75 24.44 -6.54
N PHE A 173 5.38 23.30 -6.01
CA PHE A 173 4.33 23.29 -5.05
C PHE A 173 4.84 24.12 -3.89
N ARG A 174 6.11 23.93 -3.55
CA ARG A 174 6.73 24.71 -2.51
C ARG A 174 6.84 26.18 -2.87
N CYS A 175 7.23 26.45 -4.11
CA CYS A 175 7.39 27.84 -4.51
C CYS A 175 6.08 28.61 -4.49
N ILE A 176 5.03 27.99 -5.03
CA ILE A 176 3.74 28.68 -5.12
C ILE A 176 2.77 28.28 -4.04
N ASN A 177 2.61 26.98 -3.84
CA ASN A 177 1.58 26.50 -2.96
C ASN A 177 1.74 26.88 -1.50
N GLU A 178 2.96 26.79 -0.97
CA GLU A 178 3.18 27.17 0.42
C GLU A 178 3.82 28.53 0.55
N ASN A 179 4.90 28.74 -0.18
CA ASN A 179 5.67 29.97 -0.03
C ASN A 179 4.91 31.21 -0.42
N LEU A 180 4.25 31.16 -1.58
CA LEU A 180 3.54 32.33 -2.10
C LEU A 180 2.34 32.76 -1.28
N THR A 181 1.56 31.79 -0.81
CA THR A 181 0.35 32.09 -0.07
C THR A 181 0.71 32.83 1.21
N ARG A 182 1.79 32.42 1.84
CA ARG A 182 2.28 33.07 3.05
C ARG A 182 2.67 34.51 2.75
N TYR A 183 3.31 34.72 1.61
CA TYR A 183 3.74 36.05 1.22
C TYR A 183 2.54 36.97 1.03
N ILE A 184 1.51 36.43 0.41
CA ILE A 184 0.23 37.11 0.27
C ILE A 184 -0.46 37.34 1.61
N SER A 185 -0.45 36.32 2.46
CA SER A 185 -1.12 36.42 3.75
C SER A 185 -0.46 37.48 4.57
N ASN A 186 0.85 37.53 4.45
CA ASN A 186 1.67 38.56 5.10
C ASN A 186 1.48 39.97 4.53
N MET A 187 1.05 40.09 3.28
CA MET A 187 0.77 41.42 2.74
C MET A 187 -0.41 42.05 3.45
N ASP A 188 -1.45 41.26 3.64
CA ASP A 188 -2.65 41.68 4.33
C ASP A 188 -2.42 41.93 5.82
N ILE A 189 -1.43 41.25 6.38
CA ILE A 189 -1.01 41.57 7.73
C ILE A 189 -0.21 42.87 7.70
N PHE A 190 0.64 43.01 6.69
CA PHE A 190 1.47 44.21 6.60
C PHE A 190 0.63 45.45 6.37
N GLU A 191 -0.44 45.31 5.59
CA GLU A 191 -1.31 46.46 5.32
C GLU A 191 -2.00 46.90 6.60
N LYS A 192 -2.47 45.92 7.38
CA LYS A 192 -3.23 46.18 8.59
C LYS A 192 -2.38 46.76 9.73
N VAL A 193 -1.10 46.40 9.74
CA VAL A 193 -0.23 46.62 10.90
C VAL A 193 0.92 47.62 10.60
N ASP A 194 0.86 48.24 9.42
CA ASP A 194 1.85 49.24 8.96
C ASP A 194 2.43 50.23 9.98
N ALA A 195 1.57 51.09 10.52
CA ALA A 195 2.01 52.26 11.28
C ALA A 195 2.67 51.94 12.62
N ILE A 196 2.63 50.67 13.03
CA ILE A 196 3.21 50.26 14.30
C ILE A 196 4.73 50.50 14.29
N PHE A 197 5.28 50.85 13.14
CA PHE A 197 6.73 51.00 13.04
C PHE A 197 7.29 52.42 13.16
N ASP A 198 8.26 52.57 14.05
CA ASP A 198 9.02 53.81 14.21
C ASP A 198 9.92 54.03 13.00
N LYS A 199 9.95 55.24 12.48
CA LYS A 199 10.63 55.46 11.22
C LYS A 199 12.11 55.14 11.34
N HIS A 200 12.73 55.62 12.41
CA HIS A 200 14.11 55.25 12.70
C HIS A 200 14.22 53.79 13.06
N GLU A 201 13.26 53.35 13.85
CA GLU A 201 13.15 51.97 14.28
C GLU A 201 12.92 51.07 13.08
N VAL A 202 12.11 51.52 12.13
CA VAL A 202 11.75 50.70 11.00
C VAL A 202 12.61 50.30 9.80
N GLN A 203 13.21 51.27 9.15
CA GLN A 203 13.83 51.05 7.87
C GLN A 203 15.26 51.11 8.34
N GLU A 204 15.57 52.02 9.24
CA GLU A 204 16.95 52.37 9.47
C GLU A 204 17.80 51.19 9.91
N ILE A 205 17.37 50.46 10.93
CA ILE A 205 18.13 49.27 11.30
C ILE A 205 18.02 48.17 10.26
N LYS A 206 16.78 47.90 9.85
CA LYS A 206 16.53 46.84 8.91
C LYS A 206 17.08 47.08 7.52
N GLU A 207 16.88 48.30 7.03
CA GLU A 207 17.27 48.61 5.68
C GLU A 207 18.76 48.45 5.60
N LYS A 208 19.43 48.88 6.66
CA LYS A 208 20.90 48.90 6.65
C LYS A 208 21.52 47.55 7.04
N ILE A 209 21.21 47.07 8.24
CA ILE A 209 21.81 45.84 8.76
C ILE A 209 21.37 44.55 8.06
N LEU A 210 20.09 44.44 7.72
CA LEU A 210 19.62 43.31 6.93
C LEU A 210 20.03 43.39 5.46
N ASN A 211 20.19 44.60 4.95
CA ASN A 211 20.55 44.80 3.55
C ASN A 211 21.37 46.05 3.21
N SER A 212 20.74 47.21 3.35
CA SER A 212 21.15 48.52 2.80
C SER A 212 20.67 48.69 1.37
N ASP A 213 20.15 47.59 0.81
CA ASP A 213 19.55 47.56 -0.52
C ASP A 213 18.07 47.32 -0.31
N TYR A 214 17.27 47.65 -1.31
CA TYR A 214 15.81 47.61 -1.20
C TYR A 214 15.27 48.35 0.04
N ASP A 215 13.99 48.17 0.28
CA ASP A 215 13.32 48.69 1.46
C ASP A 215 12.40 47.60 2.01
N VAL A 216 11.97 47.74 3.26
CA VAL A 216 11.08 46.76 3.87
C VAL A 216 9.73 46.67 3.15
N GLU A 217 9.20 47.83 2.75
CA GLU A 217 7.91 47.91 2.06
C GLU A 217 7.87 46.96 0.88
N ASP A 218 9.01 46.85 0.19
CA ASP A 218 9.09 46.14 -1.07
C ASP A 218 8.62 44.70 -0.95
N PHE A 219 9.08 44.01 0.10
CA PHE A 219 8.78 42.58 0.27
C PHE A 219 7.34 42.29 0.62
N PHE A 220 6.52 43.32 0.68
CA PHE A 220 5.09 43.15 0.90
C PHE A 220 4.30 43.71 -0.28
N GLU A 221 5.00 43.89 -1.39
CA GLU A 221 4.38 44.20 -2.69
C GLU A 221 4.32 42.89 -3.46
N GLY A 222 3.22 42.69 -4.17
CA GLY A 222 2.99 41.44 -4.87
C GLY A 222 3.99 41.11 -5.95
N GLU A 223 4.47 42.12 -6.67
CA GLU A 223 5.38 41.86 -7.78
C GLU A 223 6.78 41.48 -7.28
N PHE A 224 6.95 41.43 -5.97
CA PHE A 224 8.24 41.18 -5.36
C PHE A 224 8.42 39.72 -5.02
N PHE A 225 7.38 38.92 -5.24
CA PHE A 225 7.39 37.54 -4.80
C PHE A 225 8.52 36.73 -5.45
N ASN A 226 8.67 36.87 -6.76
CA ASN A 226 9.69 36.15 -7.50
C ASN A 226 11.10 36.26 -6.87
N PHE A 227 11.36 37.38 -6.21
CA PHE A 227 12.61 37.59 -5.49
C PHE A 227 12.78 36.54 -4.39
N VAL A 228 11.66 36.03 -3.90
CA VAL A 228 11.65 35.23 -2.68
C VAL A 228 11.50 33.74 -2.99
N LEU A 229 11.79 33.39 -4.25
CA LEU A 229 11.76 31.99 -4.66
C LEU A 229 13.05 31.28 -4.24
N THR A 230 14.15 32.02 -4.25
CA THR A 230 15.47 31.49 -3.93
C THR A 230 15.73 31.58 -2.43
N GLN A 231 16.67 30.77 -1.96
CA GLN A 231 16.88 30.65 -0.52
C GLN A 231 17.41 31.92 0.14
N GLU A 232 18.25 32.67 -0.57
CA GLU A 232 18.74 33.93 -0.01
C GLU A 232 17.56 34.86 0.28
N GLY A 233 16.77 35.16 -0.74
CA GLY A 233 15.59 35.99 -0.59
C GLY A 233 14.65 35.47 0.48
N ILE A 234 14.62 34.14 0.65
CA ILE A 234 13.86 33.51 1.73
C ILE A 234 14.47 33.83 3.09
N ASP A 235 15.80 33.72 3.20
CA ASP A 235 16.50 34.05 4.44
C ASP A 235 16.37 35.54 4.75
N VAL A 236 16.51 36.36 3.73
CA VAL A 236 16.36 37.80 3.86
C VAL A 236 14.97 38.14 4.39
N TYR A 237 13.97 37.53 3.77
CA TYR A 237 12.58 37.71 4.18
C TYR A 237 12.37 37.28 5.62
N ASN A 238 12.78 36.05 5.92
CA ASN A 238 12.57 35.53 7.26
C ASN A 238 13.37 36.31 8.30
N ALA A 239 14.47 36.93 7.88
CA ALA A 239 15.26 37.71 8.81
C ALA A 239 14.57 39.03 9.13
N ILE A 240 13.84 39.57 8.15
CA ILE A 240 13.03 40.77 8.33
C ILE A 240 11.98 40.53 9.41
N ILE A 241 11.34 39.36 9.34
CA ILE A 241 10.34 38.95 10.33
C ILE A 241 10.96 38.58 11.66
N GLY A 242 11.87 37.61 11.61
CA GLY A 242 12.64 37.17 12.76
C GLY A 242 13.64 38.12 13.39
N GLY A 243 14.39 38.84 12.57
CA GLY A 243 15.50 39.66 13.04
C GLY A 243 16.86 39.11 12.66
N PHE A 244 17.93 39.75 13.11
CA PHE A 244 19.28 39.39 12.68
C PHE A 244 20.35 39.39 13.76
N VAL A 245 21.37 38.56 13.55
CA VAL A 245 22.58 38.52 14.40
C VAL A 245 23.42 39.78 14.37
N THR A 246 23.61 40.35 13.19
CA THR A 246 24.34 41.61 13.00
C THR A 246 25.85 41.48 12.92
N GLU A 247 26.37 40.26 12.90
CA GLU A 247 27.81 40.10 12.85
C GLU A 247 28.43 40.76 14.07
N SER A 248 27.72 40.68 15.18
CA SER A 248 28.16 41.29 16.44
C SER A 248 27.04 41.24 17.47
N GLY A 249 27.23 41.94 18.57
CA GLY A 249 26.33 41.85 19.70
C GLY A 249 24.97 42.36 19.32
N GLU A 250 24.89 43.04 18.19
CA GLU A 250 23.78 43.93 17.88
C GLU A 250 22.41 43.27 17.90
N LYS A 251 22.26 42.08 17.36
CA LYS A 251 20.99 41.37 17.50
C LYS A 251 19.80 42.23 17.09
N ILE A 252 19.83 42.77 15.88
CA ILE A 252 18.78 43.68 15.40
C ILE A 252 17.42 42.98 15.38
N LYS A 253 16.41 43.71 15.84
CA LYS A 253 15.05 43.20 15.97
C LYS A 253 14.24 43.09 14.68
N GLY A 254 13.52 41.98 14.54
CA GLY A 254 12.61 41.72 13.44
C GLY A 254 11.23 42.32 13.58
N LEU A 255 10.42 42.24 12.52
CA LEU A 255 9.06 42.77 12.61
C LEU A 255 8.21 42.10 13.70
N ASN A 256 8.26 40.77 13.81
CA ASN A 256 7.49 40.07 14.82
C ASN A 256 7.76 40.51 16.26
N GLU A 257 9.02 40.79 16.59
CA GLU A 257 9.36 41.33 17.91
C GLU A 257 8.66 42.65 18.18
N TYR A 258 8.56 43.50 17.16
CA TYR A 258 7.93 44.81 17.32
C TYR A 258 6.45 44.69 17.58
N ILE A 259 5.79 43.82 16.85
CA ILE A 259 4.39 43.52 17.07
C ILE A 259 4.21 42.98 18.48
N ASN A 260 5.09 42.05 18.86
CA ASN A 260 5.14 41.55 20.23
C ASN A 260 5.27 42.70 21.24
N LEU A 261 6.23 43.60 21.00
CA LEU A 261 6.45 44.77 21.86
C LEU A 261 5.27 45.73 21.85
N TYR A 262 4.33 45.52 20.94
CA TYR A 262 3.10 46.27 20.97
C TYR A 262 2.04 45.56 21.82
N ASN A 263 2.50 44.72 22.75
CA ASN A 263 1.65 44.23 23.84
C ASN A 263 1.40 45.34 24.85
N GLN A 264 2.06 46.48 24.65
CA GLN A 264 1.91 47.63 25.52
C GLN A 264 0.49 48.17 25.46
N LYS A 265 -0.18 47.98 24.32
CA LYS A 265 -1.58 48.37 24.19
C LYS A 265 -2.43 47.31 24.91
N THR A 266 -1.98 46.06 24.82
CA THR A 266 -2.56 44.93 25.58
C THR A 266 -4.01 44.87 25.10
N LYS A 267 -4.24 45.20 23.83
CA LYS A 267 -5.50 44.82 23.18
C LYS A 267 -4.76 43.78 22.41
N GLN A 268 -3.63 44.18 21.84
CA GLN A 268 -2.74 43.29 21.10
C GLN A 268 -3.52 42.34 20.21
N LYS A 269 -3.14 41.06 20.27
CA LYS A 269 -3.67 40.05 19.36
C LYS A 269 -3.65 40.62 17.95
N LEU A 270 -2.61 41.38 17.65
CA LEU A 270 -2.38 41.92 16.32
C LEU A 270 -1.49 40.90 15.65
N PRO A 271 -1.94 40.37 14.50
CA PRO A 271 -1.31 39.21 13.85
C PRO A 271 0.18 39.41 13.62
N LYS A 272 0.94 38.33 13.77
CA LYS A 272 2.35 38.31 13.44
C LYS A 272 2.56 37.65 12.08
N PHE A 273 3.67 37.97 11.42
CA PHE A 273 3.99 37.39 10.13
C PHE A 273 4.41 35.93 10.22
N LYS A 274 4.15 35.20 9.16
CA LYS A 274 4.53 33.80 9.04
C LYS A 274 5.76 33.69 8.15
N PRO A 275 6.79 32.99 8.62
CA PRO A 275 8.02 32.87 7.81
C PRO A 275 7.83 31.95 6.61
N LEU A 276 8.73 32.06 5.63
CA LEU A 276 8.58 31.32 4.38
C LEU A 276 9.34 30.02 4.44
N TYR A 277 8.80 28.99 3.81
CA TYR A 277 9.42 27.68 3.82
C TYR A 277 10.65 27.66 2.94
N LYS A 278 11.79 27.32 3.54
CA LYS A 278 13.02 27.12 2.80
C LYS A 278 12.81 25.78 2.12
N GLN A 279 13.50 25.51 1.02
CA GLN A 279 13.37 24.19 0.42
C GLN A 279 14.59 23.74 -0.34
N VAL A 280 14.66 22.41 -0.55
CA VAL A 280 15.80 21.74 -1.15
C VAL A 280 17.13 22.09 -0.50
N GLU A 292 17.52 11.35 12.96
CA GLU A 292 17.44 9.94 12.58
C GLU A 292 18.23 9.09 13.56
N GLY A 293 19.26 8.39 13.08
CA GLY A 293 20.13 7.67 13.97
C GLY A 293 20.34 6.18 13.71
N TYR A 294 20.50 5.77 12.46
CA TYR A 294 20.66 4.34 12.22
C TYR A 294 21.89 3.75 12.88
N THR A 295 23.01 4.46 12.83
CA THR A 295 24.30 3.85 13.11
C THR A 295 24.55 3.30 14.52
N SER A 296 24.17 4.05 15.55
CA SER A 296 24.56 3.67 16.90
C SER A 296 23.63 4.12 18.02
N ASP A 297 23.73 3.42 19.15
CA ASP A 297 23.03 3.79 20.37
C ASP A 297 23.47 5.13 20.88
N GLU A 298 24.75 5.42 20.72
CA GLU A 298 25.26 6.73 21.12
C GLU A 298 24.58 7.78 20.27
N GLU A 299 24.37 7.46 18.99
CA GLU A 299 23.71 8.36 18.06
C GLU A 299 22.25 8.56 18.43
N VAL A 300 21.53 7.46 18.57
CA VAL A 300 20.10 7.47 18.86
C VAL A 300 19.82 8.23 20.14
N LEU A 301 20.67 8.05 21.12
CA LEU A 301 20.47 8.69 22.40
C LEU A 301 20.80 10.18 22.31
N GLU A 302 21.85 10.51 21.57
CA GLU A 302 22.27 11.89 21.39
C GLU A 302 21.15 12.71 20.76
N VAL A 303 20.41 12.10 19.85
CA VAL A 303 19.32 12.84 19.21
C VAL A 303 18.13 13.06 20.15
N PHE A 304 17.77 12.02 20.88
CA PHE A 304 16.68 12.08 21.84
C PHE A 304 16.93 13.17 22.89
N ARG A 305 18.13 13.16 23.43
CA ARG A 305 18.55 14.16 24.40
C ARG A 305 18.50 15.54 23.80
N ASN A 306 19.00 15.65 22.57
CA ASN A 306 19.18 16.94 21.93
C ASN A 306 17.88 17.58 21.44
N THR A 307 16.93 16.77 20.97
CA THR A 307 15.72 17.35 20.41
C THR A 307 14.58 17.42 21.41
N LEU A 308 14.66 16.68 22.51
CA LEU A 308 13.51 16.58 23.38
C LEU A 308 13.71 16.99 24.83
N ASN A 309 14.91 17.49 25.19
CA ASN A 309 15.15 17.97 26.54
C ASN A 309 14.35 19.24 26.80
N LYS A 310 14.24 19.63 28.06
CA LYS A 310 13.38 20.74 28.43
C LYS A 310 13.79 22.15 27.95
N ASN A 311 14.98 22.33 27.35
CA ASN A 311 15.23 23.60 26.67
C ASN A 311 15.47 23.46 25.18
N SER A 312 14.97 22.36 24.61
CA SER A 312 14.97 22.19 23.17
C SER A 312 13.87 23.06 22.57
N GLU A 313 13.88 23.18 21.25
CA GLU A 313 12.94 24.09 20.60
C GLU A 313 11.59 23.42 20.45
N ILE A 314 11.60 22.10 20.38
CA ILE A 314 10.35 21.36 20.36
C ILE A 314 9.62 21.55 21.68
N PHE A 315 10.36 21.52 22.78
CA PHE A 315 9.76 21.77 24.07
C PHE A 315 9.39 23.25 24.22
N SER A 316 10.11 24.12 23.52
CA SER A 316 9.75 25.53 23.51
C SER A 316 8.41 25.72 22.79
N SER A 317 8.25 25.05 21.66
CA SER A 317 7.03 25.24 20.88
C SER A 317 5.81 24.67 21.59
N ILE A 318 6.03 23.71 22.49
CA ILE A 318 4.93 23.13 23.25
C ILE A 318 4.44 24.11 24.32
N LYS A 319 5.36 24.84 24.94
CA LYS A 319 5.00 25.85 25.93
C LYS A 319 4.23 27.03 25.31
N LYS A 320 4.57 27.36 24.07
CA LYS A 320 3.93 28.45 23.37
C LYS A 320 2.54 28.03 22.97
N LEU A 321 2.42 26.81 22.46
CA LEU A 321 1.11 26.27 22.10
C LEU A 321 0.23 26.09 23.35
N GLU A 322 0.84 25.80 24.50
CA GLU A 322 0.09 25.79 25.76
C GLU A 322 -0.47 27.18 26.08
N LYS A 323 0.36 28.20 25.89
CA LYS A 323 -0.04 29.59 26.16
C LYS A 323 -1.10 30.05 25.16
N LEU A 324 -0.89 29.70 23.89
CA LEU A 324 -1.83 30.05 22.84
C LEU A 324 -3.21 29.51 23.18
N PHE A 325 -3.31 28.19 23.27
CA PHE A 325 -4.58 27.53 23.55
C PHE A 325 -5.19 27.86 24.91
N LYS A 326 -4.37 28.30 25.85
CA LYS A 326 -4.92 28.74 27.13
C LYS A 326 -5.77 29.99 26.91
N ASN A 327 -5.43 30.77 25.87
CA ASN A 327 -6.16 31.97 25.53
C ASN A 327 -7.16 31.73 24.41
N PHE A 328 -7.59 30.48 24.24
CA PHE A 328 -8.46 30.11 23.12
C PHE A 328 -9.72 30.98 23.06
N ASP A 329 -10.20 31.38 24.23
CA ASP A 329 -11.39 32.21 24.34
C ASP A 329 -11.18 33.59 23.75
N GLU A 330 -9.96 34.11 23.86
CA GLU A 330 -9.63 35.43 23.35
C GLU A 330 -9.83 35.60 21.83
N TYR A 331 -9.87 34.48 21.09
CA TYR A 331 -9.87 34.54 19.63
C TYR A 331 -11.27 34.40 19.01
N SER A 332 -11.36 34.66 17.71
CA SER A 332 -12.65 34.56 16.99
C SER A 332 -12.96 33.16 16.46
N SER A 333 -13.96 32.53 17.07
CA SER A 333 -14.38 31.17 16.74
C SER A 333 -14.83 31.03 15.29
N ALA A 334 -15.19 32.14 14.68
CA ALA A 334 -15.58 32.15 13.27
C ALA A 334 -14.36 32.05 12.35
N GLY A 335 -13.19 32.39 12.87
CA GLY A 335 -11.99 32.44 12.05
C GLY A 335 -10.98 31.35 12.39
N ILE A 336 -11.45 30.32 13.08
CA ILE A 336 -10.65 29.16 13.48
C ILE A 336 -11.25 27.89 12.92
N PHE A 337 -10.50 27.17 12.09
CA PHE A 337 -11.06 26.05 11.36
C PHE A 337 -10.43 24.70 11.68
N VAL A 338 -11.22 23.65 11.53
CA VAL A 338 -10.77 22.30 11.81
C VAL A 338 -10.85 21.53 10.52
N LYS A 339 -9.72 20.99 10.07
CA LYS A 339 -9.68 20.27 8.80
C LYS A 339 -10.65 19.11 8.76
N ASN A 340 -11.29 18.90 7.61
CA ASN A 340 -12.26 17.83 7.46
C ASN A 340 -11.60 16.53 7.06
N GLY A 341 -12.02 15.45 7.70
CA GLY A 341 -11.35 14.15 7.64
C GLY A 341 -11.51 13.48 8.99
N PRO A 342 -10.59 12.57 9.34
CA PRO A 342 -10.66 11.85 10.63
C PRO A 342 -10.77 12.76 11.84
N ALA A 343 -10.00 13.84 11.84
CA ALA A 343 -10.09 14.83 12.92
C ALA A 343 -11.53 15.24 13.28
N ILE A 344 -12.45 15.09 12.33
CA ILE A 344 -13.83 15.45 12.59
C ILE A 344 -14.54 14.39 13.43
N SER A 345 -14.37 13.11 13.09
CA SER A 345 -14.85 12.04 13.94
C SER A 345 -14.30 12.17 15.36
N THR A 346 -12.97 12.29 15.46
CA THR A 346 -12.32 12.33 16.78
C THR A 346 -12.81 13.48 17.63
N ILE A 347 -12.75 14.68 17.09
CA ILE A 347 -13.14 15.86 17.87
C ILE A 347 -14.62 15.81 18.21
N SER A 348 -15.41 15.19 17.35
CA SER A 348 -16.83 14.96 17.64
C SER A 348 -16.98 14.09 18.87
N LYS A 349 -16.20 13.01 18.92
CA LYS A 349 -16.16 12.12 20.07
C LYS A 349 -15.79 12.86 21.35
N ASP A 350 -14.76 13.69 21.27
CA ASP A 350 -14.22 14.38 22.44
C ASP A 350 -15.11 15.52 22.90
N ILE A 351 -15.74 16.21 21.95
CA ILE A 351 -16.62 17.34 22.31
C ILE A 351 -18.00 16.90 22.80
N PHE A 352 -18.73 16.18 21.95
CA PHE A 352 -20.14 15.84 22.21
C PHE A 352 -20.33 14.47 22.85
N GLY A 353 -19.55 13.49 22.42
CA GLY A 353 -19.59 12.20 23.08
C GLY A 353 -19.85 11.05 22.14
N GLU A 354 -19.98 11.35 20.85
CA GLU A 354 -20.17 10.33 19.83
C GLU A 354 -19.39 10.66 18.56
N TRP A 355 -19.10 9.62 17.78
CA TRP A 355 -18.38 9.77 16.52
C TRP A 355 -19.14 10.60 15.49
N ASN A 356 -20.36 10.14 15.17
CA ASN A 356 -21.08 10.59 13.99
C ASN A 356 -21.92 11.83 14.18
N VAL A 357 -21.83 12.44 15.36
CA VAL A 357 -22.67 13.58 15.69
C VAL A 357 -22.55 14.75 14.72
N ILE A 358 -21.35 15.30 14.59
CA ILE A 358 -21.05 16.32 13.60
C ILE A 358 -21.55 15.93 12.20
N ARG A 359 -21.22 14.72 11.78
CA ARG A 359 -21.68 14.19 10.50
C ARG A 359 -23.20 14.14 10.49
N ASP A 360 -23.79 13.75 11.62
CA ASP A 360 -25.24 13.67 11.70
C ASP A 360 -25.99 15.00 11.64
N LYS A 361 -25.53 15.97 12.43
CA LYS A 361 -26.11 17.30 12.38
C LYS A 361 -25.99 17.86 10.96
N TRP A 362 -24.84 17.60 10.33
CA TRP A 362 -24.58 18.14 8.99
C TRP A 362 -25.45 17.48 7.94
N ASN A 363 -25.81 16.22 8.18
CA ASN A 363 -26.75 15.51 7.33
C ASN A 363 -28.19 16.04 7.53
N ALA A 364 -28.51 16.46 8.75
CA ALA A 364 -29.81 17.05 9.06
C ALA A 364 -30.00 18.36 8.34
N GLU A 365 -28.89 19.05 8.10
CA GLU A 365 -28.96 20.36 7.47
C GLU A 365 -28.93 20.23 5.95
N TYR A 366 -28.20 19.24 5.45
CA TYR A 366 -28.16 18.98 4.02
C TYR A 366 -29.51 18.49 3.52
N ASP A 367 -30.18 17.67 4.33
CA ASP A 367 -31.47 17.14 3.91
C ASP A 367 -32.40 18.29 3.62
N ASP A 368 -32.65 19.09 4.65
CA ASP A 368 -33.62 20.18 4.59
C ASP A 368 -33.53 20.96 3.28
N ILE A 369 -32.31 21.20 2.83
CA ILE A 369 -32.07 21.83 1.55
C ILE A 369 -32.43 20.93 0.35
N HIS A 370 -31.90 19.71 0.35
CA HIS A 370 -32.02 18.85 -0.84
C HIS A 370 -33.16 17.81 -0.80
N LEU A 371 -33.74 17.59 0.36
CA LEU A 371 -34.69 16.51 0.52
C LEU A 371 -36.10 16.95 0.20
N LYS A 372 -36.57 16.62 -0.99
CA LYS A 372 -37.93 16.95 -1.39
C LYS A 372 -38.92 16.14 -0.57
N LYS A 373 -40.01 16.76 -0.15
CA LYS A 373 -40.94 16.11 0.76
C LYS A 373 -41.53 14.85 0.17
N LYS A 374 -41.88 14.92 -1.11
CA LYS A 374 -42.39 13.75 -1.81
C LYS A 374 -41.32 12.66 -1.84
N ALA A 375 -40.09 13.08 -2.03
CA ALA A 375 -38.98 12.15 -2.29
C ALA A 375 -38.67 11.21 -1.14
N VAL A 376 -38.24 10.01 -1.51
CA VAL A 376 -37.84 8.96 -0.59
C VAL A 376 -36.35 8.76 -0.77
N VAL A 377 -35.62 8.68 0.34
CA VAL A 377 -34.18 8.67 0.24
C VAL A 377 -33.72 7.45 -0.55
N THR A 378 -32.80 7.67 -1.49
CA THR A 378 -32.34 6.66 -2.40
C THR A 378 -30.84 6.56 -2.23
N GLU A 379 -30.31 5.43 -2.61
CA GLU A 379 -28.90 5.12 -2.44
C GLU A 379 -28.05 6.24 -3.04
N LYS A 380 -28.44 6.70 -4.23
CA LYS A 380 -27.68 7.76 -4.90
C LYS A 380 -27.70 9.03 -4.07
N TYR A 381 -28.90 9.40 -3.62
CA TYR A 381 -29.05 10.54 -2.73
C TYR A 381 -28.06 10.49 -1.58
N GLU A 382 -27.94 9.32 -0.96
CA GLU A 382 -27.02 9.16 0.16
C GLU A 382 -25.57 9.15 -0.29
N ASP A 383 -25.31 8.67 -1.51
CA ASP A 383 -23.96 8.71 -2.06
C ASP A 383 -23.55 10.14 -2.39
N ASP A 384 -24.46 10.87 -3.03
CA ASP A 384 -24.18 12.24 -3.41
C ASP A 384 -23.99 13.16 -2.20
N ARG A 385 -24.87 13.01 -1.21
CA ARG A 385 -24.77 13.78 0.02
C ARG A 385 -23.43 13.47 0.71
N ARG A 386 -23.02 12.22 0.61
CA ARG A 386 -21.76 11.79 1.15
C ARG A 386 -20.60 12.44 0.39
N LYS A 387 -20.66 12.46 -0.94
CA LYS A 387 -19.67 13.16 -1.75
C LYS A 387 -19.56 14.65 -1.37
N SER A 388 -20.69 15.26 -1.04
CA SER A 388 -20.70 16.65 -0.60
C SER A 388 -19.97 16.86 0.74
N PHE A 389 -20.30 16.03 1.72
CA PHE A 389 -19.64 16.11 3.02
C PHE A 389 -18.12 15.99 2.90
N LYS A 390 -17.67 14.91 2.27
CA LYS A 390 -16.25 14.70 2.06
C LYS A 390 -15.58 15.92 1.40
N LYS A 391 -16.31 16.57 0.49
CA LYS A 391 -15.78 17.65 -0.32
C LYS A 391 -15.52 18.92 0.48
N ILE A 392 -16.43 19.24 1.40
CA ILE A 392 -16.24 20.28 2.41
C ILE A 392 -14.83 20.24 3.01
N GLY A 393 -14.11 21.36 2.96
CA GLY A 393 -12.71 21.37 3.38
C GLY A 393 -12.49 21.37 4.88
N SER A 394 -13.38 22.06 5.61
CA SER A 394 -13.19 22.28 7.03
C SER A 394 -14.40 22.97 7.65
N PHE A 395 -14.37 23.11 8.98
CA PHE A 395 -15.46 23.63 9.77
C PHE A 395 -14.91 24.65 10.75
N SER A 396 -15.52 25.83 10.82
CA SER A 396 -15.11 26.82 11.78
C SER A 396 -15.52 26.35 13.16
N LEU A 397 -14.95 26.97 14.19
CA LEU A 397 -15.37 26.66 15.54
C LEU A 397 -16.78 27.19 15.71
N GLU A 398 -17.07 28.30 15.03
CA GLU A 398 -18.41 28.85 15.07
C GLU A 398 -19.43 27.85 14.53
N GLN A 399 -19.15 27.26 13.36
CA GLN A 399 -20.05 26.27 12.79
C GLN A 399 -20.23 25.09 13.73
N LEU A 400 -19.12 24.67 14.35
CA LEU A 400 -19.15 23.53 15.28
C LEU A 400 -19.97 23.90 16.52
N GLN A 401 -19.86 25.15 16.94
CA GLN A 401 -20.68 25.64 18.03
C GLN A 401 -22.13 25.75 17.55
N GLU A 402 -22.34 25.89 16.24
CA GLU A 402 -23.70 25.96 15.69
C GLU A 402 -24.39 24.63 15.90
N TYR A 403 -23.60 23.56 15.93
CA TYR A 403 -24.13 22.25 16.25
C TYR A 403 -24.15 22.08 17.76
N ALA A 404 -23.43 22.94 18.47
CA ALA A 404 -23.33 22.79 19.91
C ALA A 404 -24.66 23.10 20.59
N ASP A 405 -25.16 22.07 21.27
CA ASP A 405 -26.33 22.19 22.10
C ASP A 405 -25.92 23.14 23.21
N ALA A 406 -26.86 23.92 23.70
CA ALA A 406 -26.56 24.88 24.73
C ALA A 406 -26.17 24.06 25.95
N ASP A 407 -25.42 24.68 26.86
CA ASP A 407 -24.90 24.05 28.07
C ASP A 407 -23.63 23.29 27.76
N LEU A 408 -23.14 23.42 26.54
CA LEU A 408 -21.82 22.97 26.16
C LEU A 408 -21.15 24.07 25.37
N SER A 409 -19.92 24.39 25.74
CA SER A 409 -19.19 25.39 25.00
C SER A 409 -18.21 24.61 24.20
N VAL A 410 -18.16 24.85 22.90
CA VAL A 410 -17.21 24.05 22.12
C VAL A 410 -15.75 24.45 22.34
N VAL A 411 -15.49 25.76 22.42
CA VAL A 411 -14.12 26.24 22.59
C VAL A 411 -13.55 25.83 23.94
N GLU A 412 -14.36 25.93 24.98
CA GLU A 412 -13.94 25.62 26.35
C GLU A 412 -13.70 24.13 26.56
N LYS A 413 -14.53 23.28 25.95
CA LYS A 413 -14.37 21.84 26.09
C LYS A 413 -13.10 21.44 25.34
N LEU A 414 -12.84 22.13 24.23
CA LEU A 414 -11.62 21.92 23.45
C LEU A 414 -10.41 22.35 24.25
N LYS A 415 -10.52 23.45 24.97
CA LYS A 415 -9.42 23.97 25.74
C LYS A 415 -8.97 22.95 26.77
N GLU A 416 -9.95 22.37 27.45
CA GLU A 416 -9.68 21.40 28.51
C GLU A 416 -9.10 20.10 27.96
N ILE A 417 -9.40 19.80 26.71
CA ILE A 417 -8.88 18.58 26.09
C ILE A 417 -7.43 18.78 25.67
N ILE A 418 -7.16 19.90 25.02
CA ILE A 418 -5.81 20.24 24.59
C ILE A 418 -4.87 20.44 25.77
N ILE A 419 -5.30 21.21 26.76
CA ILE A 419 -4.46 21.46 27.91
C ILE A 419 -4.12 20.16 28.61
N GLN A 420 -5.10 19.26 28.62
CA GLN A 420 -4.94 17.98 29.27
C GLN A 420 -3.78 17.28 28.62
N LYS A 421 -3.74 17.31 27.30
CA LYS A 421 -2.68 16.64 26.56
C LYS A 421 -1.31 17.23 26.81
N VAL A 422 -1.22 18.53 27.11
CA VAL A 422 0.08 19.11 27.38
C VAL A 422 0.54 18.72 28.78
N ASP A 423 -0.39 18.70 29.73
CA ASP A 423 -0.10 18.20 31.07
C ASP A 423 0.39 16.74 31.06
N GLU A 424 -0.09 15.96 30.12
CA GLU A 424 0.33 14.57 30.01
C GLU A 424 1.75 14.48 29.43
N ILE A 425 2.14 15.47 28.63
CA ILE A 425 3.52 15.55 28.21
C ILE A 425 4.42 15.90 29.40
N TYR A 426 3.99 16.83 30.24
CA TYR A 426 4.83 17.27 31.34
C TYR A 426 5.02 16.22 32.41
N LYS A 427 4.00 15.42 32.65
CA LYS A 427 4.14 14.32 33.60
C LYS A 427 5.09 13.27 33.01
N VAL A 428 4.99 13.05 31.71
CA VAL A 428 5.85 12.02 31.11
C VAL A 428 7.28 12.53 31.06
N TYR A 429 7.48 13.84 30.97
CA TYR A 429 8.85 14.36 31.09
C TYR A 429 9.45 14.05 32.44
N GLY A 430 8.70 14.31 33.51
CA GLY A 430 9.12 13.99 34.85
C GLY A 430 9.59 12.57 35.07
N SER A 431 8.99 11.62 34.35
CA SER A 431 9.27 10.20 34.50
C SER A 431 10.47 9.77 33.66
N SER A 432 10.89 10.66 32.78
CA SER A 432 11.96 10.38 31.86
C SER A 432 13.18 11.25 32.21
N GLU A 433 13.06 12.02 33.28
CA GLU A 433 14.02 13.09 33.56
C GLU A 433 15.49 12.66 33.63
N LYS A 434 15.78 11.47 34.14
CA LYS A 434 17.19 11.08 34.22
C LYS A 434 17.88 10.91 32.86
N LEU A 435 17.11 10.54 31.85
CA LEU A 435 17.62 10.37 30.47
C LEU A 435 18.20 11.64 29.87
N PHE A 436 17.83 12.81 30.40
CA PHE A 436 18.31 14.10 29.87
C PHE A 436 19.42 14.73 30.70
N ASP A 437 19.86 14.00 31.73
CA ASP A 437 21.01 14.38 32.52
C ASP A 437 22.26 14.32 31.65
N ALA A 438 23.05 15.39 31.67
CA ALA A 438 24.38 15.38 31.07
C ALA A 438 25.17 14.18 31.56
N ASP A 439 24.93 13.83 32.82
CA ASP A 439 25.59 12.73 33.49
C ASP A 439 25.26 11.34 32.96
N PHE A 440 24.15 11.21 32.23
CA PHE A 440 23.59 9.89 31.87
C PHE A 440 24.42 9.09 30.90
N VAL A 441 24.58 7.79 31.19
CA VAL A 441 25.24 6.84 30.29
C VAL A 441 24.43 5.56 30.16
N LEU A 442 24.62 4.84 29.07
CA LEU A 442 23.83 3.65 28.78
C LEU A 442 24.50 2.40 29.31
N GLU A 443 23.90 1.77 30.30
CA GLU A 443 24.41 0.52 30.84
C GLU A 443 24.35 -0.69 29.91
N LYS A 444 23.28 -0.80 29.13
CA LYS A 444 23.06 -1.93 28.24
C LYS A 444 22.78 -1.45 26.83
N SER A 445 22.96 -2.34 25.86
CA SER A 445 22.63 -2.00 24.48
C SER A 445 21.14 -1.75 24.40
N LEU A 446 20.73 -0.86 23.52
CA LEU A 446 19.36 -0.40 23.50
C LEU A 446 18.38 -1.54 23.23
N LYS A 447 18.72 -2.42 22.29
CA LYS A 447 17.86 -3.56 22.04
C LYS A 447 17.80 -4.43 23.28
N LYS A 448 18.93 -4.59 23.94
CA LYS A 448 18.98 -5.24 25.24
C LYS A 448 18.23 -4.45 26.31
N ASN A 449 18.31 -3.12 26.23
CA ASN A 449 17.73 -2.26 27.27
C ASN A 449 16.26 -1.93 27.07
N ASP A 450 15.39 -2.81 27.54
CA ASP A 450 13.97 -2.60 27.39
C ASP A 450 13.47 -1.38 28.12
N ALA A 451 13.95 -1.16 29.33
CA ALA A 451 13.41 -0.14 30.21
C ALA A 451 13.60 1.24 29.64
N VAL A 452 14.76 1.48 29.07
CA VAL A 452 15.08 2.76 28.42
C VAL A 452 14.24 3.00 27.16
N VAL A 453 14.17 1.99 26.30
CA VAL A 453 13.40 2.08 25.06
C VAL A 453 11.94 2.47 25.34
N ALA A 454 11.37 1.95 26.42
CA ALA A 454 10.00 2.26 26.83
C ALA A 454 9.87 3.67 27.38
N ILE A 455 10.91 4.18 28.00
CA ILE A 455 10.88 5.56 28.47
C ILE A 455 10.83 6.50 27.27
N MET A 456 11.68 6.21 26.28
CA MET A 456 11.74 6.99 25.05
C MET A 456 10.47 6.94 24.21
N LYS A 457 9.90 5.76 24.06
CA LYS A 457 8.62 5.60 23.37
C LYS A 457 7.48 6.35 24.07
N ASP A 458 7.42 6.26 25.40
CA ASP A 458 6.37 6.97 26.13
C ASP A 458 6.33 8.46 25.84
N LEU A 459 7.48 9.12 25.99
CA LEU A 459 7.61 10.56 25.74
C LEU A 459 7.31 10.91 24.27
N LEU A 460 7.99 10.23 23.35
CA LEU A 460 7.75 10.42 21.92
C LEU A 460 6.26 10.31 21.59
N ASP A 461 5.60 9.27 22.09
CA ASP A 461 4.18 9.08 21.86
C ASP A 461 3.36 10.23 22.40
N SER A 462 3.67 10.70 23.62
CA SER A 462 2.85 11.75 24.18
C SER A 462 2.97 13.08 23.40
N VAL A 463 4.05 13.25 22.66
CA VAL A 463 4.28 14.49 21.97
C VAL A 463 3.72 14.36 20.57
N LYS A 464 4.03 13.24 19.95
CA LYS A 464 3.48 12.88 18.65
C LYS A 464 1.94 12.94 18.65
N SER A 465 1.30 12.43 19.69
CA SER A 465 -0.15 12.44 19.74
C SER A 465 -0.68 13.87 19.92
N PHE A 466 -0.02 14.64 20.79
CA PHE A 466 -0.30 16.06 20.89
C PHE A 466 -0.17 16.77 19.55
N GLU A 467 0.92 16.49 18.84
CA GLU A 467 1.17 17.11 17.56
C GLU A 467 0.07 16.71 16.60
N ASN A 468 -0.16 15.42 16.50
CA ASN A 468 -1.10 14.88 15.55
C ASN A 468 -2.55 15.35 15.78
N TYR A 469 -2.89 15.62 17.04
CA TYR A 469 -4.21 16.11 17.38
C TYR A 469 -4.36 17.59 17.05
N ILE A 470 -3.33 18.34 17.40
CA ILE A 470 -3.22 19.79 17.25
C ILE A 470 -3.20 20.20 15.77
N LYS A 471 -2.65 19.35 14.94
CA LYS A 471 -2.49 19.58 13.52
C LYS A 471 -3.84 19.75 12.83
N ALA A 472 -4.86 19.20 13.45
CA ALA A 472 -6.22 19.27 12.92
C ALA A 472 -6.72 20.70 12.77
N PHE A 473 -6.23 21.60 13.61
CA PHE A 473 -6.69 22.98 13.55
C PHE A 473 -5.96 23.78 12.49
N PHE A 474 -6.07 23.29 11.28
CA PHE A 474 -5.69 23.99 10.07
C PHE A 474 -6.79 23.58 9.11
N GLY A 475 -7.49 24.52 8.50
CA GLY A 475 -8.58 24.16 7.61
C GLY A 475 -8.10 23.83 6.21
N GLU A 476 -6.79 23.79 6.03
CA GLU A 476 -6.24 23.20 4.84
C GLU A 476 -6.96 23.90 3.72
N GLY A 477 -7.09 25.20 3.87
CA GLY A 477 -7.82 25.95 2.88
C GLY A 477 -7.37 27.39 2.76
N LYS A 478 -7.67 27.97 1.62
CA LYS A 478 -7.58 29.39 1.47
C LYS A 478 -8.87 29.92 2.04
N GLU A 479 -9.08 29.63 3.33
CA GLU A 479 -10.27 30.07 4.02
C GLU A 479 -10.27 31.58 4.09
N THR A 480 -11.44 32.14 3.80
CA THR A 480 -11.62 33.54 3.51
C THR A 480 -11.26 34.41 4.71
N ASN A 481 -11.77 34.04 5.88
CA ASN A 481 -11.51 34.80 7.09
C ASN A 481 -10.83 33.91 8.11
N ARG A 482 -9.69 34.34 8.63
CA ARG A 482 -9.00 33.53 9.62
C ARG A 482 -8.44 34.38 10.74
N ASP A 483 -8.28 33.78 11.92
CA ASP A 483 -7.75 34.50 13.05
C ASP A 483 -6.25 34.45 12.89
N GLU A 484 -5.73 35.37 12.12
CA GLU A 484 -4.31 35.46 11.82
C GLU A 484 -3.50 35.72 13.09
N SER A 485 -4.13 36.38 14.05
CA SER A 485 -3.53 36.51 15.37
C SER A 485 -3.37 35.14 15.99
N PHE A 486 -4.39 34.30 15.85
CA PHE A 486 -4.28 32.91 16.28
C PHE A 486 -3.30 32.08 15.47
N TYR A 487 -3.33 32.25 14.16
CA TYR A 487 -2.54 31.39 13.29
C TYR A 487 -1.12 31.89 13.11
N GLY A 488 -0.86 33.11 13.54
CA GLY A 488 0.50 33.58 13.55
C GLY A 488 1.26 32.74 14.56
N ASP A 489 0.88 32.89 15.83
CA ASP A 489 1.44 32.12 16.93
C ASP A 489 1.41 30.59 16.68
N PHE A 490 0.28 30.08 16.20
CA PHE A 490 0.10 28.66 15.96
C PHE A 490 1.09 28.13 14.94
N VAL A 491 1.27 28.86 13.85
CA VAL A 491 2.10 28.37 12.75
C VAL A 491 3.57 28.49 13.10
N LEU A 492 3.92 29.56 13.82
CA LEU A 492 5.29 29.70 14.29
C LEU A 492 5.70 28.47 15.10
N ALA A 493 4.94 28.18 16.15
CA ALA A 493 5.17 27.07 17.06
C ALA A 493 5.03 25.66 16.50
N TYR A 494 3.99 25.44 15.71
CA TYR A 494 3.67 24.11 15.20
C TYR A 494 4.73 23.55 14.27
N ASP A 495 5.32 24.41 13.46
CA ASP A 495 6.24 23.98 12.42
C ASP A 495 7.43 23.26 13.04
N ILE A 496 7.90 23.75 14.18
CA ILE A 496 8.92 23.03 14.89
C ILE A 496 8.41 21.68 15.39
N LEU A 497 7.19 21.67 15.90
CA LEU A 497 6.58 20.48 16.49
C LEU A 497 6.50 19.42 15.42
N LEU A 498 6.33 19.85 14.19
CA LEU A 498 6.22 18.95 13.07
C LEU A 498 7.50 18.12 13.01
N LYS A 499 8.55 18.64 13.60
CA LYS A 499 9.85 18.02 13.55
C LYS A 499 9.84 16.64 14.21
N VAL A 500 8.91 16.41 15.13
CA VAL A 500 8.88 15.17 15.91
C VAL A 500 8.71 13.95 15.01
N ASP A 501 7.94 14.10 13.96
CA ASP A 501 7.57 12.97 13.13
C ASP A 501 8.78 12.28 12.52
N HIS A 502 9.71 13.04 11.97
CA HIS A 502 10.99 12.45 11.58
C HIS A 502 11.70 11.71 12.72
N ILE A 503 11.89 12.39 13.86
CA ILE A 503 12.61 11.80 14.98
C ILE A 503 11.93 10.49 15.39
N TYR A 504 10.61 10.55 15.56
CA TYR A 504 9.83 9.40 15.96
C TYR A 504 10.12 8.22 15.07
N ASP A 505 9.94 8.44 13.76
CA ASP A 505 10.14 7.35 12.81
C ASP A 505 11.52 6.74 12.85
N ALA A 506 12.56 7.57 12.94
CA ALA A 506 13.92 7.09 12.87
C ALA A 506 14.28 6.23 14.08
N ILE A 507 13.85 6.69 15.25
CA ILE A 507 14.15 5.98 16.48
C ILE A 507 13.39 4.64 16.45
N ARG A 508 12.17 4.65 15.95
CA ARG A 508 11.35 3.43 15.91
C ARG A 508 11.91 2.44 14.90
N ASN A 509 12.40 2.92 13.76
CA ASN A 509 12.99 2.03 12.78
C ASN A 509 14.23 1.32 13.31
N TYR A 510 14.96 2.03 14.18
CA TYR A 510 16.20 1.53 14.74
C TYR A 510 15.98 0.44 15.78
N VAL A 511 15.06 0.68 16.72
CA VAL A 511 14.65 -0.34 17.67
C VAL A 511 14.01 -1.54 16.96
N THR A 512 13.26 -1.27 15.90
CA THR A 512 12.46 -2.31 15.27
C THR A 512 13.26 -3.28 14.35
N GLN A 513 14.47 -2.84 14.01
CA GLN A 513 15.44 -3.55 13.19
C GLN A 513 15.77 -4.98 13.65
N LYS A 514 15.93 -5.87 12.67
CA LYS A 514 16.43 -7.21 12.91
C LYS A 514 17.85 -7.10 13.46
N PRO A 515 18.30 -8.06 14.32
CA PRO A 515 19.61 -7.94 14.97
C PRO A 515 20.74 -8.06 13.96
N TYR A 516 20.40 -8.57 12.78
CA TYR A 516 21.38 -8.71 11.70
C TYR A 516 21.15 -7.66 10.61
N SER A 517 22.02 -7.62 9.62
CA SER A 517 21.91 -6.63 8.56
C SER A 517 21.91 -7.31 7.21
N LYS A 518 21.21 -6.75 6.22
CA LYS A 518 21.22 -7.34 4.88
C LYS A 518 21.95 -6.43 3.88
N ASP A 519 22.66 -5.45 4.41
CA ASP A 519 23.43 -4.52 3.58
C ASP A 519 24.45 -5.28 2.73
N LYS A 520 24.67 -4.82 1.52
CA LYS A 520 25.45 -5.56 0.55
C LYS A 520 25.87 -4.60 -0.53
N PHE A 521 26.75 -5.08 -1.41
CA PHE A 521 27.27 -4.24 -2.47
C PHE A 521 27.50 -5.05 -3.74
N LYS A 522 27.30 -4.38 -4.88
CA LYS A 522 27.35 -5.04 -6.17
C LYS A 522 28.78 -5.35 -6.58
N LEU A 523 28.98 -6.48 -7.23
CA LEU A 523 30.31 -6.86 -7.66
C LEU A 523 30.46 -6.80 -9.17
N TYR A 524 31.48 -6.11 -9.62
CA TYR A 524 31.77 -6.10 -11.05
C TYR A 524 33.12 -6.79 -11.35
N PHE A 525 33.94 -6.99 -10.31
CA PHE A 525 35.28 -7.53 -10.49
C PHE A 525 36.06 -6.66 -11.47
N GLN A 526 36.09 -5.36 -11.17
CA GLN A 526 36.86 -4.40 -11.98
C GLN A 526 36.43 -4.38 -13.45
N ASN A 527 35.15 -4.65 -13.69
CA ASN A 527 34.64 -4.79 -15.05
C ASN A 527 33.25 -4.13 -15.19
N PRO A 528 33.20 -2.97 -15.88
CA PRO A 528 31.96 -2.23 -16.06
C PRO A 528 30.87 -3.06 -16.74
N GLN A 529 31.27 -4.02 -17.58
CA GLN A 529 30.31 -4.81 -18.34
C GLN A 529 30.11 -6.21 -17.75
N PHE A 530 30.59 -6.44 -16.54
CA PHE A 530 30.51 -7.76 -15.90
C PHE A 530 29.11 -8.39 -15.93
N MET A 531 29.02 -9.60 -16.46
CA MET A 531 27.80 -10.42 -16.36
C MET A 531 26.57 -9.76 -16.98
N GLY A 532 26.79 -9.02 -18.05
CA GLY A 532 25.72 -8.44 -18.83
C GLY A 532 24.81 -9.47 -19.47
N GLY A 533 25.38 -10.58 -19.92
CA GLY A 533 24.62 -11.61 -20.61
C GLY A 533 25.17 -13.00 -20.41
N TRP A 534 24.35 -14.01 -20.64
CA TRP A 534 24.78 -15.39 -20.53
C TRP A 534 24.79 -16.14 -21.84
N ASP A 535 23.62 -16.21 -22.47
CA ASP A 535 23.43 -17.03 -23.64
C ASP A 535 24.34 -16.52 -24.75
N LYS A 536 24.46 -15.21 -24.82
CA LYS A 536 25.29 -14.57 -25.81
C LYS A 536 26.78 -14.89 -25.64
N ASP A 537 27.42 -15.09 -26.78
CA ASP A 537 28.85 -15.36 -26.90
C ASP A 537 29.62 -14.05 -26.90
N LYS A 538 29.61 -13.38 -25.77
CA LYS A 538 30.44 -12.20 -25.55
C LYS A 538 31.34 -12.54 -24.39
N GLU A 539 31.47 -13.85 -24.13
CA GLU A 539 32.03 -14.31 -22.87
C GLU A 539 33.42 -13.77 -22.57
N THR A 540 34.15 -13.37 -23.61
CA THR A 540 35.43 -12.70 -23.40
C THR A 540 35.22 -11.31 -22.79
N ASP A 541 34.04 -10.73 -23.02
CA ASP A 541 33.70 -9.38 -22.57
C ASP A 541 32.95 -9.34 -21.23
N TYR A 542 31.87 -10.13 -21.11
CA TYR A 542 31.08 -10.15 -19.89
C TYR A 542 31.81 -10.90 -18.77
N ARG A 543 32.54 -11.93 -19.18
CA ARG A 543 33.45 -12.69 -18.32
C ARG A 543 32.82 -13.53 -17.20
N ALA A 544 31.58 -13.96 -17.41
CA ALA A 544 30.88 -14.87 -16.50
C ALA A 544 30.11 -15.93 -17.26
N THR A 545 30.06 -17.14 -16.73
CA THR A 545 29.34 -18.20 -17.40
C THR A 545 28.85 -19.21 -16.41
N ILE A 546 28.14 -20.22 -16.90
CA ILE A 546 27.46 -21.17 -16.02
C ILE A 546 27.87 -22.59 -16.34
N LEU A 547 28.23 -23.32 -15.28
CA LEU A 547 28.68 -24.70 -15.41
C LEU A 547 27.76 -25.65 -14.64
N ARG A 548 27.65 -26.88 -15.15
CA ARG A 548 26.87 -27.93 -14.52
C ARG A 548 27.74 -29.20 -14.21
N TYR A 549 27.58 -29.80 -13.02
CA TYR A 549 28.19 -31.11 -12.77
C TYR A 549 27.30 -32.06 -11.97
N GLY A 550 26.70 -33.02 -12.67
CA GLY A 550 25.70 -33.88 -12.06
C GLY A 550 24.45 -33.05 -11.79
N SER A 551 24.09 -32.92 -10.52
CA SER A 551 22.90 -32.17 -10.13
C SER A 551 23.25 -30.75 -9.73
N LYS A 552 24.54 -30.43 -9.71
CA LYS A 552 24.96 -29.13 -9.21
C LYS A 552 25.28 -28.13 -10.31
N TYR A 553 24.96 -26.87 -10.05
CA TYR A 553 25.16 -25.79 -10.98
C TYR A 553 26.22 -24.80 -10.48
N TYR A 554 26.96 -24.16 -11.38
CA TYR A 554 28.03 -23.30 -10.91
C TYR A 554 28.13 -22.03 -11.71
N LEU A 555 28.59 -20.98 -11.06
CA LEU A 555 28.88 -19.72 -11.72
C LEU A 555 30.40 -19.58 -11.81
N ALA A 556 30.88 -19.34 -13.03
CA ALA A 556 32.31 -19.28 -13.28
C ALA A 556 32.67 -17.91 -13.84
N ILE A 557 33.62 -17.25 -13.19
CA ILE A 557 33.98 -15.87 -13.54
C ILE A 557 35.40 -15.83 -14.00
N MET A 558 35.64 -15.53 -15.28
CA MET A 558 36.99 -15.46 -15.80
C MET A 558 37.76 -14.20 -15.42
N ASP A 559 39.03 -14.38 -15.05
CA ASP A 559 39.94 -13.26 -14.84
C ASP A 559 40.18 -12.58 -16.18
N LYS A 560 40.31 -11.25 -16.14
CA LYS A 560 40.42 -10.46 -17.36
C LYS A 560 41.59 -10.90 -18.23
N LYS A 561 42.70 -11.25 -17.59
CA LYS A 561 43.91 -11.64 -18.30
C LYS A 561 43.74 -13.02 -18.93
N TYR A 562 42.63 -13.68 -18.63
CA TYR A 562 42.48 -15.07 -19.03
C TYR A 562 41.11 -15.37 -19.61
N ALA A 563 40.47 -14.34 -20.17
CA ALA A 563 39.12 -14.49 -20.69
C ALA A 563 38.95 -15.75 -21.53
N LYS A 564 39.87 -15.99 -22.43
CA LYS A 564 39.73 -17.13 -23.33
C LYS A 564 40.03 -18.47 -22.65
N CYS A 565 40.39 -18.45 -21.37
CA CYS A 565 40.85 -19.67 -20.69
C CYS A 565 39.81 -20.79 -20.80
N LEU A 566 38.55 -20.42 -20.89
CA LEU A 566 37.49 -21.41 -20.98
C LEU A 566 37.30 -21.93 -22.40
N GLN A 567 37.81 -21.18 -23.38
CA GLN A 567 37.60 -21.53 -24.79
C GLN A 567 38.15 -22.91 -25.11
N LYS A 568 39.46 -23.07 -24.97
CA LYS A 568 40.13 -24.32 -25.35
C LYS A 568 40.18 -25.36 -24.24
N ILE A 569 39.10 -26.13 -24.11
CA ILE A 569 38.99 -27.18 -23.11
C ILE A 569 38.45 -28.44 -23.75
N ASP A 570 39.08 -29.57 -23.48
CA ASP A 570 38.67 -30.84 -24.08
C ASP A 570 37.43 -31.45 -23.44
N LYS A 571 36.72 -32.28 -24.19
CA LYS A 571 35.59 -33.04 -23.68
C LYS A 571 36.11 -34.31 -23.03
N ASP A 572 36.95 -34.16 -22.01
CA ASP A 572 37.73 -35.28 -21.50
C ASP A 572 36.76 -36.32 -20.97
N ASP A 573 36.90 -37.55 -21.44
CA ASP A 573 36.05 -38.62 -20.92
C ASP A 573 36.81 -39.72 -20.21
N VAL A 574 38.06 -39.44 -19.86
CA VAL A 574 38.82 -40.43 -19.10
C VAL A 574 38.09 -40.62 -17.80
N ASN A 575 37.62 -39.53 -17.22
CA ASN A 575 36.86 -39.65 -15.99
C ASN A 575 35.66 -38.72 -15.88
N GLY A 576 35.90 -37.42 -15.71
CA GLY A 576 34.80 -36.50 -15.50
C GLY A 576 34.87 -35.11 -16.08
N ASN A 577 33.70 -34.57 -16.41
CA ASN A 577 33.58 -33.25 -17.01
C ASN A 577 32.44 -32.42 -16.44
N TYR A 578 32.66 -31.12 -16.31
CA TYR A 578 31.59 -30.17 -16.12
C TYR A 578 30.88 -30.03 -17.45
N GLU A 579 29.59 -29.71 -17.46
CA GLU A 579 28.91 -29.29 -18.69
C GLU A 579 29.01 -27.77 -18.72
N LYS A 580 29.14 -27.21 -19.93
CA LYS A 580 29.52 -25.81 -20.11
C LYS A 580 28.41 -25.13 -20.91
N ILE A 581 28.06 -23.91 -20.53
CA ILE A 581 26.90 -23.24 -21.08
C ILE A 581 27.19 -22.49 -22.37
N ASN A 582 26.42 -22.82 -23.40
CA ASN A 582 26.28 -21.98 -24.56
C ASN A 582 24.81 -21.62 -24.61
N TYR A 583 24.52 -20.34 -24.57
CA TYR A 583 23.14 -19.88 -24.63
C TYR A 583 22.96 -19.01 -25.85
N LYS A 584 21.96 -19.34 -26.66
CA LYS A 584 21.72 -18.53 -27.84
C LYS A 584 20.42 -17.76 -27.74
N LEU A 585 20.53 -16.44 -27.75
CA LEU A 585 19.36 -15.59 -27.86
C LEU A 585 19.46 -14.56 -28.97
N LEU A 586 18.48 -14.57 -29.86
CA LEU A 586 18.32 -13.57 -30.90
C LEU A 586 17.37 -12.52 -30.37
N PRO A 587 17.89 -11.32 -30.05
CA PRO A 587 17.11 -10.33 -29.31
C PRO A 587 16.33 -9.32 -30.16
N GLY A 588 15.02 -9.29 -29.97
CA GLY A 588 14.13 -8.40 -30.73
C GLY A 588 14.12 -8.47 -32.24
N PRO A 589 13.76 -9.63 -32.78
CA PRO A 589 13.70 -9.80 -34.26
C PRO A 589 13.15 -8.71 -35.12
N ASN A 590 12.26 -7.91 -34.55
CA ASN A 590 11.54 -6.87 -35.31
C ASN A 590 12.48 -5.68 -35.56
N LYS A 591 13.42 -5.44 -34.66
CA LYS A 591 14.41 -4.40 -34.89
C LYS A 591 15.64 -4.97 -35.60
N MET A 592 16.04 -6.15 -35.13
CA MET A 592 17.25 -6.83 -35.62
C MET A 592 17.26 -7.41 -37.03
N LEU A 593 16.20 -8.09 -37.45
CA LEU A 593 16.20 -8.69 -38.77
C LEU A 593 16.41 -7.63 -39.83
N PRO A 594 15.69 -6.49 -39.75
CA PRO A 594 15.97 -5.45 -40.74
C PRO A 594 17.31 -4.74 -40.57
N LYS A 595 17.83 -4.70 -39.36
CA LYS A 595 19.12 -4.09 -39.12
C LYS A 595 20.27 -4.86 -39.76
N VAL A 596 20.26 -6.18 -39.60
CA VAL A 596 21.28 -7.05 -40.18
C VAL A 596 21.21 -7.16 -41.69
N PHE A 597 19.98 -7.32 -42.18
CA PHE A 597 19.74 -7.78 -43.54
C PHE A 597 19.59 -6.67 -44.56
N PHE A 598 19.61 -5.44 -44.06
CA PHE A 598 19.78 -4.27 -44.89
C PHE A 598 21.14 -3.63 -44.61
N SER A 599 22.01 -4.45 -44.03
CA SER A 599 23.39 -4.10 -43.77
C SER A 599 24.11 -3.99 -45.10
N LYS A 600 25.13 -3.15 -45.15
CA LYS A 600 25.88 -3.00 -46.39
C LYS A 600 26.51 -4.34 -46.76
N LYS A 601 27.03 -5.08 -45.78
CA LYS A 601 27.62 -6.38 -46.08
C LYS A 601 26.60 -7.39 -46.62
N TRP A 602 25.43 -7.45 -46.00
CA TRP A 602 24.39 -8.33 -46.50
C TRP A 602 23.96 -7.85 -47.86
N MET A 603 23.92 -6.53 -48.00
CA MET A 603 23.45 -5.92 -49.23
C MET A 603 24.37 -6.43 -50.31
N ALA A 604 25.65 -6.53 -49.98
CA ALA A 604 26.60 -7.15 -50.88
C ALA A 604 26.28 -8.63 -51.11
N TYR A 605 26.01 -9.34 -50.02
CA TYR A 605 25.78 -10.78 -50.07
C TYR A 605 24.55 -11.07 -50.90
N TYR A 606 23.55 -10.23 -50.72
CA TYR A 606 22.29 -10.36 -51.42
C TYR A 606 22.17 -9.17 -52.35
N ASN A 607 21.79 -9.41 -53.60
CA ASN A 607 21.36 -8.33 -54.46
C ASN A 607 19.88 -8.18 -54.18
N PRO A 608 19.55 -7.47 -53.02
CA PRO A 608 18.12 -7.53 -52.70
C PRO A 608 17.29 -6.79 -53.72
N SER A 609 16.12 -7.32 -54.01
CA SER A 609 15.23 -6.70 -54.96
C SER A 609 14.82 -5.35 -54.42
N GLU A 610 14.63 -4.41 -55.33
CA GLU A 610 14.12 -3.10 -54.97
C GLU A 610 12.72 -3.27 -54.39
N ASP A 611 11.95 -4.21 -54.91
CA ASP A 611 10.60 -4.41 -54.43
C ASP A 611 10.64 -4.58 -52.90
N ILE A 612 11.65 -5.31 -52.44
CA ILE A 612 11.81 -5.52 -51.00
C ILE A 612 12.16 -4.24 -50.26
N GLN A 613 13.21 -3.54 -50.73
CA GLN A 613 13.62 -2.27 -50.16
C GLN A 613 12.49 -1.25 -50.05
N LYS A 614 11.72 -1.08 -51.14
CA LYS A 614 10.61 -0.13 -51.15
C LYS A 614 9.53 -0.47 -50.12
N ILE A 615 9.20 -1.76 -50.01
CA ILE A 615 8.25 -2.23 -49.00
C ILE A 615 8.70 -1.87 -47.60
N TYR A 616 9.99 -2.04 -47.31
CA TYR A 616 10.50 -1.75 -45.98
C TYR A 616 10.50 -0.26 -45.67
N LYS A 617 11.04 0.54 -46.58
CA LYS A 617 11.19 1.97 -46.34
C LYS A 617 9.83 2.64 -46.15
N ASN A 618 8.85 2.21 -46.93
CA ASN A 618 7.51 2.76 -46.82
C ASN A 618 6.74 2.07 -45.73
N GLY A 619 7.11 0.82 -45.44
CA GLY A 619 6.47 0.06 -44.39
C GLY A 619 5.09 -0.43 -44.80
N THR A 620 4.98 -1.00 -45.98
CA THR A 620 3.70 -1.52 -46.44
C THR A 620 3.44 -2.91 -45.82
N PHE A 621 4.47 -3.43 -45.15
CA PHE A 621 4.37 -4.63 -44.33
C PHE A 621 3.61 -4.43 -43.04
N LYS A 622 3.81 -3.27 -42.42
CA LYS A 622 3.19 -2.99 -41.14
C LYS A 622 1.71 -2.70 -41.30
N LYS A 623 1.02 -2.71 -40.18
CA LYS A 623 -0.37 -2.30 -40.11
C LYS A 623 -0.32 -0.80 -40.28
N GLY A 624 -1.46 -0.16 -40.47
CA GLY A 624 -1.47 1.26 -40.75
C GLY A 624 -2.07 1.67 -42.08
N ASP A 625 -2.65 0.69 -42.76
CA ASP A 625 -3.57 0.92 -43.88
C ASP A 625 -2.85 1.35 -45.14
N MET A 626 -1.52 1.39 -45.04
CA MET A 626 -0.65 1.39 -46.20
C MET A 626 -0.08 -0.01 -46.42
N PHE A 627 -0.51 -0.94 -45.58
CA PHE A 627 -0.07 -2.32 -45.62
C PHE A 627 -0.58 -3.02 -46.87
N ASN A 628 0.27 -3.83 -47.46
CA ASN A 628 -0.12 -4.71 -48.55
C ASN A 628 0.25 -6.13 -48.14
N LEU A 629 -0.70 -7.05 -48.21
CA LEU A 629 -0.45 -8.40 -47.71
C LEU A 629 0.65 -9.10 -48.48
N ASN A 630 0.62 -8.99 -49.79
CA ASN A 630 1.64 -9.61 -50.59
C ASN A 630 2.98 -8.98 -50.28
N ASP A 631 2.97 -7.67 -50.09
CA ASP A 631 4.19 -6.96 -49.80
C ASP A 631 4.70 -7.55 -48.52
N CYS A 632 3.78 -7.79 -47.58
CA CYS A 632 4.22 -8.34 -46.32
C CYS A 632 4.88 -9.69 -46.55
N HIS A 633 4.21 -10.54 -47.32
CA HIS A 633 4.67 -11.88 -47.60
C HIS A 633 5.98 -11.88 -48.33
N LYS A 634 6.20 -10.86 -49.15
CA LYS A 634 7.44 -10.77 -49.87
C LYS A 634 8.55 -10.50 -48.88
N LEU A 635 8.27 -9.62 -47.92
CA LEU A 635 9.28 -9.28 -46.92
C LEU A 635 9.68 -10.53 -46.13
N ILE A 636 8.67 -11.28 -45.69
CA ILE A 636 8.85 -12.52 -44.95
C ILE A 636 9.76 -13.44 -45.72
N ASP A 637 9.41 -13.70 -46.98
CA ASP A 637 10.17 -14.63 -47.82
C ASP A 637 11.61 -14.16 -48.01
N PHE A 638 11.78 -12.86 -48.19
CA PHE A 638 13.11 -12.28 -48.19
C PHE A 638 13.87 -12.63 -46.92
N PHE A 639 13.27 -12.32 -45.76
CA PHE A 639 13.84 -12.66 -44.46
C PHE A 639 14.10 -14.15 -44.31
N LYS A 640 13.10 -14.98 -44.58
CA LYS A 640 13.23 -16.44 -44.52
C LYS A 640 14.44 -16.99 -45.27
N ASP A 641 14.58 -16.54 -46.51
CA ASP A 641 15.65 -16.98 -47.37
C ASP A 641 16.96 -16.38 -46.90
N SER A 642 16.93 -15.13 -46.48
CA SER A 642 18.12 -14.48 -45.93
C SER A 642 18.61 -15.26 -44.72
N ILE A 643 17.67 -15.88 -44.04
CA ILE A 643 17.98 -16.69 -42.87
C ILE A 643 18.75 -17.97 -43.22
N SER A 644 18.36 -18.63 -44.31
CA SER A 644 19.07 -19.82 -44.81
C SER A 644 20.55 -19.52 -45.01
N ARG A 645 20.83 -18.30 -45.45
CA ARG A 645 22.14 -17.91 -45.92
C ARG A 645 22.90 -17.03 -44.94
N TYR A 646 22.49 -17.03 -43.68
CA TYR A 646 23.22 -16.32 -42.64
C TYR A 646 23.73 -17.27 -41.56
N PRO A 647 25.01 -17.64 -41.65
CA PRO A 647 25.68 -18.65 -40.81
C PRO A 647 25.52 -18.41 -39.31
N LYS A 648 25.84 -17.19 -38.85
CA LYS A 648 25.76 -16.88 -37.43
C LYS A 648 24.46 -17.34 -36.82
N TRP A 649 23.35 -17.14 -37.53
CA TRP A 649 22.03 -17.52 -37.03
C TRP A 649 21.60 -18.95 -37.32
N SER A 650 21.81 -19.43 -38.54
CA SER A 650 21.32 -20.77 -38.90
C SER A 650 22.17 -21.94 -38.38
N ASN A 651 23.30 -21.65 -37.74
CA ASN A 651 24.06 -22.68 -37.04
C ASN A 651 23.84 -22.55 -35.54
N ALA A 652 23.01 -21.59 -35.17
CA ALA A 652 22.71 -21.32 -33.77
C ALA A 652 21.32 -21.84 -33.42
N TYR A 653 20.34 -21.51 -34.28
CA TYR A 653 18.94 -21.83 -34.00
C TYR A 653 18.33 -22.77 -35.03
N ASP A 654 17.37 -23.57 -34.59
CA ASP A 654 16.64 -24.48 -35.45
C ASP A 654 15.33 -23.84 -35.93
N PHE A 655 15.41 -23.03 -36.97
CA PHE A 655 14.21 -22.39 -37.50
C PHE A 655 13.31 -23.38 -38.22
N ASN A 656 12.04 -23.40 -37.80
CA ASN A 656 10.99 -24.19 -38.43
C ASN A 656 9.85 -23.22 -38.65
N PHE A 657 9.79 -22.67 -39.85
CA PHE A 657 8.88 -21.56 -40.14
C PHE A 657 7.57 -22.04 -40.72
N SER A 658 6.49 -21.41 -40.26
CA SER A 658 5.19 -21.59 -40.86
C SER A 658 5.25 -21.20 -42.33
N GLU A 659 4.37 -21.80 -43.13
CA GLU A 659 4.16 -21.39 -44.51
C GLU A 659 3.96 -19.87 -44.57
N THR A 660 4.54 -19.22 -45.57
CA THR A 660 4.46 -17.76 -45.67
C THR A 660 3.02 -17.26 -45.80
N GLU A 661 2.18 -18.04 -46.45
CA GLU A 661 0.80 -17.64 -46.75
C GLU A 661 -0.08 -17.57 -45.51
N LYS A 662 0.16 -18.46 -44.56
CA LYS A 662 -0.69 -18.46 -43.37
C LYS A 662 -0.29 -17.41 -42.34
N TYR A 663 0.69 -16.59 -42.70
CA TYR A 663 1.10 -15.49 -41.83
C TYR A 663 0.19 -14.32 -42.13
N LYS A 664 -0.58 -13.91 -41.14
CA LYS A 664 -1.46 -12.76 -41.29
C LYS A 664 -0.72 -11.45 -41.45
N ASP A 665 0.39 -11.32 -40.73
CA ASP A 665 1.17 -10.08 -40.75
C ASP A 665 2.62 -10.40 -40.48
N ILE A 666 3.47 -9.40 -40.63
CA ILE A 666 4.89 -9.60 -40.41
C ILE A 666 5.04 -10.05 -38.97
N ALA A 667 4.18 -9.51 -38.12
CA ALA A 667 4.25 -9.76 -36.69
C ALA A 667 4.10 -11.24 -36.40
N GLY A 668 3.27 -11.92 -37.18
CA GLY A 668 3.14 -13.34 -37.01
C GLY A 668 4.46 -14.03 -37.26
N PHE A 669 5.19 -13.57 -38.27
CA PHE A 669 6.49 -14.14 -38.61
C PHE A 669 7.51 -13.91 -37.50
N TYR A 670 7.49 -12.72 -36.91
CA TYR A 670 8.46 -12.37 -35.89
C TYR A 670 8.34 -13.23 -34.62
N ARG A 671 7.13 -13.55 -34.20
CA ARG A 671 6.99 -14.32 -32.98
C ARG A 671 7.73 -15.64 -33.12
N GLU A 672 7.59 -16.27 -34.28
CA GLU A 672 8.29 -17.52 -34.56
C GLU A 672 9.80 -17.36 -34.53
N VAL A 673 10.30 -16.25 -35.06
CA VAL A 673 11.73 -15.97 -34.99
C VAL A 673 12.13 -15.80 -33.54
N GLU A 674 11.36 -15.01 -32.79
CA GLU A 674 11.62 -14.82 -31.37
C GLU A 674 11.53 -16.14 -30.57
N GLU A 675 10.51 -16.93 -30.90
CA GLU A 675 10.29 -18.21 -30.24
C GLU A 675 11.42 -19.20 -30.51
N GLN A 676 11.77 -19.36 -31.79
CA GLN A 676 12.87 -20.23 -32.20
C GLN A 676 14.19 -19.50 -32.10
N GLY A 677 14.11 -18.22 -31.81
CA GLY A 677 15.28 -17.38 -31.73
C GLY A 677 16.24 -17.78 -30.65
N TYR A 678 15.77 -18.47 -29.62
CA TYR A 678 16.59 -18.78 -28.45
C TYR A 678 16.81 -20.28 -28.25
N LYS A 679 18.07 -20.68 -28.09
CA LYS A 679 18.40 -22.07 -27.80
C LYS A 679 19.41 -22.20 -26.67
N VAL A 680 19.19 -23.19 -25.81
CA VAL A 680 20.12 -23.46 -24.71
C VAL A 680 20.56 -24.94 -24.76
N SER A 681 21.86 -25.18 -24.67
CA SER A 681 22.40 -26.54 -24.58
C SER A 681 23.80 -26.55 -24.01
N PHE A 682 24.29 -27.74 -23.69
CA PHE A 682 25.54 -27.87 -22.94
C PHE A 682 26.76 -28.51 -23.62
N GLU A 683 27.90 -27.83 -23.48
CA GLU A 683 29.22 -28.23 -23.94
C GLU A 683 29.88 -29.15 -22.92
N SER A 684 31.14 -29.52 -23.18
CA SER A 684 31.85 -30.44 -22.29
C SER A 684 33.28 -29.98 -22.03
N ALA A 685 33.65 -29.92 -20.75
CA ALA A 685 34.95 -29.36 -20.37
C ALA A 685 35.60 -30.08 -19.19
N SER A 686 36.85 -30.48 -19.39
CA SER A 686 37.62 -31.25 -18.40
C SER A 686 37.55 -30.72 -16.99
N LYS A 687 37.06 -31.57 -16.09
CA LYS A 687 36.93 -31.19 -14.71
C LYS A 687 38.27 -30.83 -14.11
N LYS A 688 39.27 -31.69 -14.34
CA LYS A 688 40.60 -31.50 -13.79
C LYS A 688 41.21 -30.20 -14.30
N GLU A 689 41.07 -29.93 -15.59
CA GLU A 689 41.60 -28.73 -16.21
C GLU A 689 41.08 -27.40 -15.62
N VAL A 690 39.76 -27.19 -15.61
CA VAL A 690 39.25 -25.96 -15.00
C VAL A 690 39.44 -25.91 -13.48
N ASP A 691 39.32 -27.06 -12.81
CA ASP A 691 39.57 -27.13 -11.37
C ASP A 691 40.90 -26.47 -11.05
N LYS A 692 41.91 -26.82 -11.87
CA LYS A 692 43.24 -26.19 -11.81
C LYS A 692 43.22 -24.71 -12.19
N LEU A 693 42.38 -24.33 -13.17
CA LEU A 693 42.21 -22.91 -13.49
C LEU A 693 41.79 -22.14 -12.24
N VAL A 694 41.01 -22.80 -11.39
CA VAL A 694 40.55 -22.17 -10.16
C VAL A 694 41.74 -21.99 -9.25
N GLU A 695 42.50 -23.07 -9.06
CA GLU A 695 43.71 -23.04 -8.25
C GLU A 695 44.66 -21.92 -8.64
N GLU A 696 44.91 -21.78 -9.94
CA GLU A 696 45.84 -20.77 -10.44
C GLU A 696 45.22 -19.37 -10.42
N GLY A 697 43.94 -19.28 -10.12
CA GLY A 697 43.26 -18.00 -10.08
C GLY A 697 43.05 -17.41 -11.45
N LYS A 698 43.00 -18.28 -12.46
CA LYS A 698 42.64 -17.87 -13.81
C LYS A 698 41.12 -17.84 -13.90
N LEU A 699 40.49 -18.50 -12.94
CA LEU A 699 39.05 -18.68 -12.95
C LEU A 699 38.55 -18.69 -11.52
N TYR A 700 37.41 -18.06 -11.30
CA TYR A 700 36.77 -18.06 -9.99
C TYR A 700 35.42 -18.75 -10.09
N MET A 701 35.18 -19.63 -9.13
CA MET A 701 34.04 -20.52 -9.17
C MET A 701 33.18 -20.42 -7.92
N PHE A 702 31.87 -20.51 -8.09
CA PHE A 702 30.92 -20.44 -7.00
C PHE A 702 29.82 -21.45 -7.29
N GLN A 703 29.40 -22.20 -6.28
CA GLN A 703 28.21 -23.01 -6.44
C GLN A 703 26.96 -22.17 -6.22
N ILE A 704 25.97 -22.40 -7.09
CA ILE A 704 24.74 -21.70 -7.05
C ILE A 704 23.85 -22.60 -6.23
N TYR A 705 23.38 -22.05 -5.12
CA TYR A 705 22.87 -22.87 -4.05
C TYR A 705 21.73 -22.25 -3.27
N ASN A 706 20.69 -23.06 -3.05
CA ASN A 706 19.79 -22.86 -1.91
C ASN A 706 19.60 -24.22 -1.29
N LYS A 707 18.99 -24.26 -0.11
CA LYS A 707 18.88 -25.52 0.65
C LYS A 707 18.34 -26.73 -0.13
N ASP A 708 17.53 -26.47 -1.16
CA ASP A 708 17.00 -27.55 -1.97
C ASP A 708 18.09 -28.31 -2.75
N PHE A 709 19.30 -27.76 -2.81
CA PHE A 709 20.46 -28.44 -3.43
C PHE A 709 21.29 -29.21 -2.42
N SER A 710 20.83 -29.23 -1.18
CA SER A 710 21.54 -29.98 -0.17
C SER A 710 21.28 -31.44 -0.44
N ASP A 711 22.34 -32.25 -0.30
CA ASP A 711 22.21 -33.70 -0.39
C ASP A 711 21.22 -34.29 0.62
N LYS A 712 20.80 -33.52 1.62
CA LYS A 712 19.82 -33.98 2.61
C LYS A 712 18.44 -33.40 2.42
N SER A 713 18.24 -32.67 1.33
CA SER A 713 16.93 -32.14 1.03
C SER A 713 16.10 -33.25 0.40
N HIS A 714 15.02 -33.63 1.06
CA HIS A 714 14.16 -34.70 0.58
C HIS A 714 12.70 -34.28 0.40
N GLY A 715 12.38 -33.01 0.63
CA GLY A 715 11.02 -32.51 0.56
C GLY A 715 10.72 -31.89 -0.80
N THR A 716 9.46 -31.52 -0.99
CA THR A 716 9.02 -30.70 -2.11
C THR A 716 9.80 -29.42 -2.08
N PRO A 717 10.45 -29.09 -3.21
CA PRO A 717 11.28 -27.89 -3.37
C PRO A 717 10.51 -26.57 -3.43
N ASN A 718 11.24 -25.50 -3.12
CA ASN A 718 10.81 -24.15 -3.42
C ASN A 718 10.41 -23.98 -4.87
N LEU A 719 9.39 -23.16 -5.09
CA LEU A 719 8.89 -22.92 -6.44
C LEU A 719 10.04 -22.43 -7.32
N HIS A 720 10.83 -21.48 -6.81
CA HIS A 720 11.90 -20.91 -7.60
C HIS A 720 12.98 -21.93 -7.93
N THR A 721 13.09 -22.95 -7.12
CA THR A 721 14.06 -23.98 -7.41
C THR A 721 13.65 -24.71 -8.69
N MET A 722 12.36 -25.01 -8.79
CA MET A 722 11.80 -25.64 -9.96
C MET A 722 11.95 -24.78 -11.22
N TYR A 723 11.77 -23.47 -11.08
CA TYR A 723 11.97 -22.55 -12.22
C TYR A 723 13.41 -22.65 -12.73
N PHE A 724 14.35 -22.65 -11.80
CA PHE A 724 15.76 -22.65 -12.15
C PHE A 724 16.16 -23.95 -12.84
N LYS A 725 15.85 -25.11 -12.24
CA LYS A 725 16.18 -26.39 -12.90
C LYS A 725 15.51 -26.46 -14.26
N LEU A 726 14.23 -26.11 -14.31
CA LEU A 726 13.45 -26.23 -15.54
C LEU A 726 14.07 -25.43 -16.68
N LEU A 727 14.86 -24.42 -16.36
CA LEU A 727 15.59 -23.67 -17.36
C LEU A 727 16.32 -24.64 -18.27
N PHE A 728 16.90 -25.70 -17.71
CA PHE A 728 17.75 -26.61 -18.49
C PHE A 728 17.21 -28.02 -18.68
N ASP A 729 15.89 -28.18 -18.71
CA ASP A 729 15.27 -29.50 -18.82
C ASP A 729 14.77 -29.68 -20.27
N GLU A 730 14.96 -30.88 -20.80
CA GLU A 730 14.55 -31.22 -22.17
C GLU A 730 13.09 -30.89 -22.39
N ASN A 731 12.25 -31.11 -21.41
CA ASN A 731 10.82 -30.84 -21.60
C ASN A 731 10.40 -29.37 -21.68
N ASN A 732 11.29 -28.46 -21.29
CA ASN A 732 10.94 -27.04 -21.31
C ASN A 732 11.22 -26.41 -22.64
N HIS A 733 10.17 -26.22 -23.43
CA HIS A 733 10.30 -25.61 -24.75
C HIS A 733 10.18 -24.10 -24.68
N GLY A 734 11.10 -23.45 -23.99
CA GLY A 734 11.20 -22.01 -24.01
C GLY A 734 10.15 -21.25 -23.21
N GLN A 735 9.35 -21.97 -22.44
CA GLN A 735 8.33 -21.35 -21.61
C GLN A 735 8.93 -20.47 -20.53
N ILE A 736 9.98 -20.93 -19.90
CA ILE A 736 10.74 -20.12 -18.97
C ILE A 736 12.13 -20.01 -19.55
N ARG A 737 12.66 -18.80 -19.62
CA ARG A 737 13.92 -18.60 -20.28
C ARG A 737 14.90 -17.78 -19.48
N LEU A 738 16.18 -18.01 -19.71
CA LEU A 738 17.24 -17.32 -18.99
C LEU A 738 17.53 -15.99 -19.65
N SER A 739 17.62 -14.93 -18.89
CA SER A 739 17.85 -13.58 -19.43
C SER A 739 19.08 -12.96 -18.80
N GLY A 740 19.64 -11.97 -19.49
CA GLY A 740 20.77 -11.22 -18.97
C GLY A 740 20.35 -10.24 -17.89
N GLY A 741 21.31 -9.47 -17.39
CA GLY A 741 21.04 -8.54 -16.31
C GLY A 741 21.20 -9.24 -14.98
N ALA A 742 21.97 -10.33 -14.95
CA ALA A 742 22.26 -11.01 -13.69
C ALA A 742 23.20 -10.14 -12.88
N GLU A 743 23.05 -10.16 -11.57
CA GLU A 743 23.99 -9.45 -10.72
C GLU A 743 24.50 -10.31 -9.58
N LEU A 744 25.76 -10.05 -9.20
CA LEU A 744 26.35 -10.71 -8.07
C LEU A 744 26.59 -9.69 -6.97
N PHE A 745 26.21 -10.03 -5.73
CA PHE A 745 26.42 -9.15 -4.59
C PHE A 745 27.24 -9.80 -3.49
N MET A 746 27.82 -9.00 -2.62
CA MET A 746 28.47 -9.54 -1.45
C MET A 746 27.78 -9.06 -0.20
N ARG A 747 27.37 -9.99 0.65
CA ARG A 747 26.76 -9.60 1.91
C ARG A 747 27.65 -9.94 3.09
N ARG A 748 28.35 -8.92 3.56
CA ARG A 748 29.27 -9.07 4.67
C ARG A 748 28.50 -9.56 5.87
N ALA A 749 29.13 -10.42 6.66
CA ALA A 749 28.53 -11.00 7.85
C ALA A 749 28.20 -9.94 8.90
N SER A 750 27.13 -10.14 9.67
CA SER A 750 26.76 -9.16 10.69
C SER A 750 26.61 -9.76 12.09
N LEU A 751 26.62 -11.07 12.17
CA LEU A 751 26.65 -11.72 13.47
C LEU A 751 27.98 -12.43 13.62
N LYS A 752 28.47 -12.55 14.85
CA LYS A 752 29.64 -13.40 15.11
C LYS A 752 29.14 -14.77 15.55
N LYS A 753 29.63 -15.81 14.89
CA LYS A 753 29.17 -17.18 15.15
C LYS A 753 29.18 -17.57 16.64
N GLU A 754 30.21 -17.17 17.37
CA GLU A 754 30.30 -17.51 18.79
C GLU A 754 29.16 -16.87 19.59
N GLU A 755 28.55 -15.83 19.04
CA GLU A 755 27.52 -15.11 19.80
C GLU A 755 26.07 -15.50 19.48
N LEU A 756 25.88 -16.48 18.60
CA LEU A 756 24.54 -16.95 18.25
C LEU A 756 23.90 -17.80 19.35
N VAL A 757 22.58 -17.74 19.45
CA VAL A 757 21.88 -18.67 20.29
C VAL A 757 22.00 -20.04 19.63
N VAL A 758 22.29 -21.07 20.43
CA VAL A 758 22.48 -22.42 19.91
C VAL A 758 21.70 -23.43 20.74
N HIS A 759 21.02 -24.37 20.08
CA HIS A 759 20.51 -25.56 20.74
C HIS A 759 21.54 -26.68 20.60
N PRO A 760 22.27 -26.97 21.70
CA PRO A 760 23.39 -27.92 21.64
C PRO A 760 22.94 -29.35 21.34
N ALA A 761 23.72 -30.02 20.51
CA ALA A 761 23.50 -31.41 20.16
C ALA A 761 23.23 -32.29 21.37
N ASN A 762 22.35 -33.27 21.18
CA ASN A 762 22.06 -34.32 22.15
C ASN A 762 21.28 -33.85 23.34
N SER A 763 20.70 -32.66 23.24
CA SER A 763 19.76 -32.25 24.26
C SER A 763 18.43 -31.97 23.61
N PRO A 764 17.35 -32.44 24.23
CA PRO A 764 16.02 -32.17 23.67
C PRO A 764 15.75 -30.68 23.55
N ILE A 765 15.21 -30.26 22.42
CA ILE A 765 14.69 -28.92 22.21
C ILE A 765 13.16 -29.00 22.22
N ALA A 766 12.52 -28.14 23.00
CA ALA A 766 11.07 -28.07 23.03
C ALA A 766 10.51 -27.67 21.67
N ASN A 767 9.44 -28.35 21.25
CA ASN A 767 8.71 -27.98 20.05
C ASN A 767 7.65 -27.01 20.46
N LYS A 768 7.38 -26.04 19.59
CA LYS A 768 6.62 -24.83 19.94
C LYS A 768 5.16 -24.90 19.46
N ASN A 769 4.87 -25.71 18.46
CA ASN A 769 3.50 -25.80 17.94
C ASN A 769 2.64 -26.65 18.88
N PRO A 770 1.62 -26.05 19.49
CA PRO A 770 0.90 -26.86 20.48
C PRO A 770 0.13 -28.00 19.78
N ASP A 771 -0.14 -27.84 18.49
CA ASP A 771 -0.80 -28.92 17.75
C ASP A 771 0.17 -29.94 17.19
N ASN A 772 1.44 -29.80 17.50
CA ASN A 772 2.38 -30.84 17.10
C ASN A 772 2.36 -31.89 18.18
N PRO A 773 1.92 -33.11 17.85
CA PRO A 773 1.79 -34.10 18.94
C PRO A 773 3.13 -34.54 19.53
N LYS A 774 4.23 -34.46 18.77
CA LYS A 774 5.57 -34.71 19.32
C LYS A 774 6.07 -33.49 20.14
N LYS A 775 6.49 -33.70 21.38
CA LYS A 775 6.77 -32.58 22.28
C LYS A 775 8.22 -32.03 22.21
N THR A 776 9.20 -32.87 21.91
CA THR A 776 10.59 -32.40 21.81
C THR A 776 11.33 -32.98 20.62
N THR A 777 12.47 -32.37 20.28
CA THR A 777 13.36 -32.95 19.28
C THR A 777 14.81 -33.01 19.77
N THR A 778 15.45 -34.14 19.53
CA THR A 778 16.86 -34.30 19.88
C THR A 778 17.67 -34.66 18.63
N LEU A 779 18.58 -33.77 18.26
CA LEU A 779 19.39 -33.93 17.07
C LEU A 779 20.79 -34.20 17.59
N SER A 780 21.67 -34.71 16.73
CA SER A 780 23.03 -35.11 17.14
C SER A 780 24.05 -34.07 16.68
N TYR A 781 23.55 -32.89 16.34
CA TYR A 781 24.38 -31.79 15.89
C TYR A 781 23.73 -30.48 16.40
N ASP A 782 24.45 -29.37 16.28
CA ASP A 782 24.07 -28.10 16.86
C ASP A 782 23.16 -27.29 15.94
N VAL A 783 22.12 -26.67 16.48
CA VAL A 783 21.29 -25.77 15.70
C VAL A 783 21.48 -24.30 16.14
N TYR A 784 21.82 -23.42 15.19
CA TYR A 784 22.14 -22.02 15.48
C TYR A 784 21.12 -20.99 14.93
N LYS A 785 20.55 -20.17 15.81
CA LYS A 785 19.71 -19.08 15.36
C LYS A 785 20.41 -18.18 14.32
N ASP A 786 19.70 -17.84 13.25
CA ASP A 786 20.17 -16.85 12.26
C ASP A 786 21.56 -17.10 11.70
N LYS A 787 21.94 -18.36 11.60
CA LYS A 787 23.30 -18.77 11.21
C LYS A 787 23.84 -18.07 9.95
N ARG A 788 22.99 -17.89 8.94
CA ARG A 788 23.43 -17.37 7.62
C ARG A 788 24.00 -15.94 7.65
N PHE A 789 23.67 -15.17 8.67
CA PHE A 789 24.20 -13.82 8.81
C PHE A 789 25.54 -13.75 9.53
N SER A 790 26.08 -14.89 9.97
CA SER A 790 27.40 -14.94 10.62
C SER A 790 28.55 -15.21 9.66
N GLU A 791 28.26 -15.38 8.39
CA GLU A 791 29.27 -15.55 7.36
C GLU A 791 29.08 -14.57 6.19
N ASP A 792 30.17 -13.97 5.73
CA ASP A 792 30.19 -13.25 4.46
C ASP A 792 29.43 -14.08 3.41
N GLN A 793 28.48 -13.46 2.72
CA GLN A 793 27.66 -14.22 1.78
C GLN A 793 27.56 -13.58 0.39
N TYR A 794 27.94 -14.35 -0.63
CA TYR A 794 27.71 -13.98 -2.02
C TYR A 794 26.30 -14.38 -2.41
N GLU A 795 25.56 -13.46 -3.06
CA GLU A 795 24.23 -13.79 -3.59
C GLU A 795 24.04 -13.44 -5.07
N LEU A 796 23.41 -14.36 -5.80
CA LEU A 796 23.31 -14.29 -7.25
C LEU A 796 21.87 -14.16 -7.72
N HIS A 797 21.52 -13.01 -8.31
CA HIS A 797 20.15 -12.78 -8.80
C HIS A 797 20.07 -13.06 -10.28
N ILE A 798 19.24 -14.01 -10.65
CA ILE A 798 19.15 -14.35 -12.06
C ILE A 798 17.75 -14.09 -12.62
N PRO A 799 17.68 -13.25 -13.64
CA PRO A 799 16.43 -12.88 -14.32
C PRO A 799 15.95 -13.96 -15.27
N ILE A 800 14.65 -14.19 -15.27
CA ILE A 800 14.06 -15.15 -16.19
C ILE A 800 12.85 -14.54 -16.89
N ALA A 801 12.46 -15.16 -17.98
CA ALA A 801 11.36 -14.71 -18.79
C ALA A 801 10.38 -15.85 -18.78
N ILE A 802 9.14 -15.58 -18.39
CA ILE A 802 8.08 -16.58 -18.51
C ILE A 802 7.05 -16.21 -19.60
N ASN A 803 6.74 -17.18 -20.45
CA ASN A 803 5.75 -17.03 -21.50
C ASN A 803 6.07 -15.84 -22.41
N LYS A 804 7.37 -15.71 -22.70
CA LYS A 804 7.95 -14.75 -23.62
C LYS A 804 7.23 -14.65 -24.98
N CYS A 805 6.73 -15.78 -25.47
CA CYS A 805 6.10 -15.81 -26.80
C CYS A 805 4.67 -16.36 -26.70
N PRO A 806 3.74 -15.54 -26.21
CA PRO A 806 2.38 -16.02 -25.94
C PRO A 806 1.64 -16.37 -27.23
N LYS A 807 0.98 -17.53 -27.27
CA LYS A 807 0.15 -17.90 -28.39
C LYS A 807 -1.30 -17.44 -28.21
N ASN A 808 -1.82 -17.56 -26.99
CA ASN A 808 -3.17 -17.12 -26.65
C ASN A 808 -3.26 -15.63 -26.35
N ILE A 809 -3.67 -14.82 -27.31
CA ILE A 809 -3.92 -13.42 -27.03
C ILE A 809 -5.43 -13.12 -27.04
N PHE A 810 -5.90 -12.44 -25.99
CA PHE A 810 -7.29 -11.99 -25.84
C PHE A 810 -7.37 -11.12 -24.59
N LYS A 811 -8.51 -10.49 -24.37
CA LYS A 811 -8.70 -9.75 -23.12
C LYS A 811 -9.20 -10.67 -22.02
N ILE A 812 -8.39 -10.77 -20.96
CA ILE A 812 -8.69 -11.69 -19.88
C ILE A 812 -10.07 -11.42 -19.24
N ASN A 813 -10.41 -10.16 -18.98
CA ASN A 813 -11.71 -9.83 -18.37
C ASN A 813 -12.87 -10.24 -19.30
N THR A 814 -12.73 -9.99 -20.58
CA THR A 814 -13.81 -10.34 -21.50
C THR A 814 -14.02 -11.85 -21.60
N GLU A 815 -12.92 -12.57 -21.80
CA GLU A 815 -12.97 -14.03 -21.78
C GLU A 815 -13.56 -14.63 -20.48
N VAL A 816 -13.21 -14.08 -19.31
CA VAL A 816 -13.86 -14.59 -18.11
C VAL A 816 -15.40 -14.40 -18.21
N ARG A 817 -15.84 -13.23 -18.65
CA ARG A 817 -17.28 -13.00 -18.73
C ARG A 817 -17.99 -13.94 -19.69
N VAL A 818 -17.38 -14.18 -20.85
CA VAL A 818 -17.99 -15.04 -21.86
C VAL A 818 -18.16 -16.47 -21.38
N LEU A 819 -17.09 -17.00 -20.78
CA LEU A 819 -17.13 -18.34 -20.23
C LEU A 819 -18.17 -18.46 -19.09
N LEU A 820 -18.28 -17.43 -18.25
CA LEU A 820 -19.26 -17.45 -17.16
C LEU A 820 -20.65 -17.39 -17.76
N LYS A 821 -20.84 -16.55 -18.77
CA LYS A 821 -22.13 -16.51 -19.45
C LYS A 821 -22.56 -17.90 -19.92
N HIS A 822 -21.65 -18.66 -20.53
CA HIS A 822 -22.05 -19.94 -21.08
C HIS A 822 -21.81 -21.13 -20.15
N ASP A 823 -21.57 -20.90 -18.85
CA ASP A 823 -21.41 -22.03 -17.91
C ASP A 823 -22.67 -22.43 -17.12
N ASP A 824 -23.00 -23.72 -17.18
CA ASP A 824 -24.18 -24.31 -16.55
C ASP A 824 -24.26 -24.36 -15.01
N ASN A 825 -23.14 -24.67 -14.37
CA ASN A 825 -23.02 -24.62 -12.91
C ASN A 825 -21.75 -23.91 -12.49
N PRO A 826 -21.77 -22.50 -12.59
CA PRO A 826 -20.48 -21.88 -12.24
C PRO A 826 -20.26 -21.76 -10.73
N TYR A 827 -19.03 -21.97 -10.29
CA TYR A 827 -18.71 -22.00 -8.88
C TYR A 827 -17.97 -20.76 -8.43
N VAL A 828 -18.32 -20.25 -7.26
CA VAL A 828 -17.68 -19.09 -6.69
C VAL A 828 -17.02 -19.34 -5.34
N ILE A 829 -15.79 -18.88 -5.17
CA ILE A 829 -15.17 -18.83 -3.86
C ILE A 829 -15.37 -17.45 -3.18
N GLY A 830 -16.12 -17.43 -2.09
CA GLY A 830 -16.25 -16.26 -1.24
C GLY A 830 -15.21 -16.19 -0.14
N ILE A 831 -14.48 -15.08 -0.06
CA ILE A 831 -13.60 -14.80 1.07
C ILE A 831 -14.03 -13.57 1.89
N ASP A 832 -14.05 -13.71 3.20
CA ASP A 832 -14.44 -12.63 4.07
C ASP A 832 -13.52 -12.60 5.28
N ARG A 833 -13.29 -11.42 5.83
CA ARG A 833 -12.50 -11.30 7.06
C ARG A 833 -13.47 -11.29 8.19
N GLY A 834 -13.18 -11.99 9.27
CA GLY A 834 -14.20 -12.15 10.27
C GLY A 834 -13.80 -11.70 11.66
N GLU A 835 -14.75 -11.85 12.58
CA GLU A 835 -14.51 -11.44 13.97
C GLU A 835 -13.85 -12.54 14.77
N ARG A 836 -14.33 -13.77 14.59
CA ARG A 836 -13.76 -14.92 15.30
C ARG A 836 -12.82 -15.67 14.39
N ASN A 837 -12.65 -15.20 13.17
CA ASN A 837 -11.88 -15.93 12.17
C ASN A 837 -11.07 -14.97 11.34
N LEU A 838 -9.77 -15.22 11.23
CA LEU A 838 -8.91 -14.37 10.44
C LEU A 838 -9.50 -14.22 9.04
N LEU A 839 -9.73 -15.34 8.36
CA LEU A 839 -10.38 -15.38 7.05
C LEU A 839 -11.39 -16.53 7.07
N TYR A 840 -12.52 -16.37 6.39
CA TYR A 840 -13.46 -17.47 6.23
C TYR A 840 -13.89 -17.61 4.78
N ILE A 841 -14.07 -18.85 4.36
CA ILE A 841 -14.30 -19.22 2.94
C ILE A 841 -15.63 -19.92 2.75
N VAL A 842 -16.32 -19.60 1.67
CA VAL A 842 -17.56 -20.27 1.34
C VAL A 842 -17.53 -20.52 -0.14
N VAL A 843 -17.64 -21.78 -0.53
CA VAL A 843 -17.73 -22.10 -1.92
C VAL A 843 -19.20 -22.41 -2.20
N VAL A 844 -19.64 -21.92 -3.33
CA VAL A 844 -21.04 -21.91 -3.63
C VAL A 844 -21.20 -22.34 -5.08
N ASP A 845 -22.29 -23.03 -5.42
CA ASP A 845 -22.57 -23.35 -6.82
C ASP A 845 -23.31 -22.23 -7.53
N GLY A 846 -23.71 -22.50 -8.78
CA GLY A 846 -24.23 -21.50 -9.67
C GLY A 846 -25.61 -21.08 -9.25
N LYS A 847 -26.04 -21.61 -8.10
CA LYS A 847 -27.40 -21.38 -7.65
C LYS A 847 -27.45 -21.03 -6.17
N GLY A 848 -26.28 -20.84 -5.55
CA GLY A 848 -26.22 -20.35 -4.20
C GLY A 848 -26.13 -21.40 -3.13
N ASN A 849 -26.11 -22.66 -3.54
CA ASN A 849 -25.95 -23.73 -2.57
C ASN A 849 -24.53 -23.74 -2.10
N ILE A 850 -24.35 -23.85 -0.79
CA ILE A 850 -23.03 -23.90 -0.25
C ILE A 850 -22.48 -25.30 -0.48
N VAL A 851 -21.28 -25.36 -1.03
CA VAL A 851 -20.62 -26.60 -1.32
C VAL A 851 -19.54 -26.87 -0.27
N GLU A 852 -18.87 -25.82 0.16
CA GLU A 852 -17.86 -25.91 1.19
C GLU A 852 -17.86 -24.64 2.03
N GLN A 853 -17.84 -24.78 3.35
CA GLN A 853 -17.62 -23.65 4.25
C GLN A 853 -16.67 -24.04 5.38
N TYR A 854 -15.67 -23.19 5.63
CA TYR A 854 -14.79 -23.36 6.80
C TYR A 854 -13.90 -22.12 7.10
N SER A 855 -13.47 -22.04 8.34
CA SER A 855 -12.50 -21.03 8.78
C SER A 855 -11.13 -21.32 8.24
N LEU A 856 -10.38 -20.28 7.92
CA LEU A 856 -8.95 -20.46 7.65
C LEU A 856 -8.04 -20.08 8.86
N ASN A 857 -8.57 -20.14 10.08
CA ASN A 857 -7.71 -19.95 11.24
C ASN A 857 -6.61 -20.97 11.25
N GLU A 858 -6.93 -22.18 10.82
CA GLU A 858 -5.87 -23.17 10.83
C GLU A 858 -5.37 -23.51 9.44
N ILE A 859 -4.05 -23.51 9.30
CA ILE A 859 -3.43 -23.86 8.04
C ILE A 859 -2.90 -25.27 8.29
N ILE A 860 -3.29 -26.18 7.43
CA ILE A 860 -2.90 -27.56 7.53
C ILE A 860 -1.85 -27.82 6.48
N ASN A 861 -0.69 -28.27 6.95
CA ASN A 861 0.36 -28.72 6.06
C ASN A 861 0.45 -30.26 5.86
N ASN A 862 0.83 -30.61 4.63
CA ASN A 862 1.11 -31.97 4.21
C ASN A 862 2.58 -32.14 3.95
N PHE A 863 3.19 -33.05 4.68
CA PHE A 863 4.46 -33.61 4.34
C PHE A 863 4.21 -35.11 4.39
N ASN A 864 4.62 -35.82 3.36
CA ASN A 864 4.37 -37.25 3.30
C ASN A 864 2.87 -37.50 3.42
N GLY A 865 2.48 -38.44 4.27
CA GLY A 865 1.08 -38.74 4.48
C GLY A 865 0.57 -38.12 5.75
N ILE A 866 1.41 -37.28 6.35
CA ILE A 866 1.15 -36.70 7.64
C ILE A 866 0.66 -35.27 7.50
N ARG A 867 -0.36 -34.93 8.27
CA ARG A 867 -0.90 -33.59 8.31
C ARG A 867 -0.72 -32.99 9.69
N ILE A 868 -0.10 -31.83 9.75
CA ILE A 868 0.05 -31.06 10.98
C ILE A 868 -0.48 -29.65 10.78
N LYS A 869 -1.29 -29.20 11.72
CA LYS A 869 -1.90 -27.92 11.51
C LYS A 869 -1.27 -26.89 12.39
N THR A 870 -1.43 -25.63 12.01
CA THR A 870 -1.00 -24.53 12.80
C THR A 870 -2.20 -23.61 12.85
N ASP A 871 -2.58 -23.25 14.06
CA ASP A 871 -3.72 -22.37 14.33
C ASP A 871 -3.17 -20.94 14.46
N TYR A 872 -3.28 -20.18 13.37
CA TYR A 872 -2.64 -18.87 13.30
C TYR A 872 -3.42 -17.86 14.13
N HIS A 873 -4.65 -18.24 14.45
CA HIS A 873 -5.48 -17.38 15.24
C HIS A 873 -5.02 -17.46 16.69
N SER A 874 -4.63 -18.65 17.17
CA SER A 874 -4.02 -18.82 18.50
C SER A 874 -2.65 -18.16 18.58
N LEU A 875 -1.80 -18.33 17.56
CA LEU A 875 -0.56 -17.54 17.43
C LEU A 875 -0.80 -16.04 17.65
N LEU A 876 -1.71 -15.46 16.89
CA LEU A 876 -2.00 -14.05 17.01
C LEU A 876 -2.50 -13.73 18.40
N ASP A 877 -3.19 -14.68 19.00
CA ASP A 877 -3.70 -14.45 20.33
C ASP A 877 -2.60 -14.42 21.39
N LYS A 878 -1.68 -15.35 21.30
CA LYS A 878 -0.52 -15.33 22.18
C LYS A 878 0.33 -14.07 21.95
N LYS A 879 0.49 -13.64 20.69
CA LYS A 879 1.24 -12.40 20.44
C LYS A 879 0.55 -11.10 20.90
N GLU A 880 -0.77 -11.14 21.01
CA GLU A 880 -1.53 -9.97 21.43
C GLU A 880 -1.44 -9.85 22.95
N LYS A 881 -1.32 -11.01 23.58
CA LYS A 881 -1.11 -11.04 25.02
C LYS A 881 0.31 -10.54 25.26
N GLU A 882 1.25 -11.00 24.42
CA GLU A 882 2.62 -10.50 24.50
C GLU A 882 2.66 -8.97 24.37
N ARG A 883 1.94 -8.43 23.39
CA ARG A 883 1.86 -6.99 23.21
C ARG A 883 1.28 -6.30 24.44
N PHE A 884 0.37 -6.97 25.13
CA PHE A 884 -0.16 -6.42 26.36
C PHE A 884 0.91 -6.41 27.47
N GLU A 885 1.62 -7.52 27.62
CA GLU A 885 2.61 -7.66 28.69
C GLU A 885 3.77 -6.68 28.49
N ALA A 886 3.99 -6.30 27.23
CA ALA A 886 5.11 -5.46 26.85
C ALA A 886 4.67 -4.01 26.69
N ARG A 887 3.44 -3.73 27.14
CA ARG A 887 2.87 -2.38 27.13
C ARG A 887 2.82 -1.76 25.73
N GLN A 888 2.47 -2.60 24.75
CA GLN A 888 2.39 -2.24 23.34
C GLN A 888 3.69 -1.66 22.76
N ASN A 889 4.84 -2.22 23.15
CA ASN A 889 6.11 -1.73 22.59
C ASN A 889 6.21 -1.93 21.08
N TRP A 890 7.21 -1.31 20.46
CA TRP A 890 7.28 -1.30 19.00
C TRP A 890 7.49 -2.70 18.45
N THR A 891 8.36 -3.46 19.10
CA THR A 891 8.80 -4.69 18.49
C THR A 891 7.69 -5.73 18.42
N SER A 892 6.84 -5.80 19.45
CA SER A 892 5.70 -6.71 19.39
C SER A 892 4.79 -6.30 18.25
N ILE A 893 4.62 -5.00 18.08
CA ILE A 893 3.79 -4.51 17.00
C ILE A 893 4.31 -4.97 15.65
N GLU A 894 5.63 -4.95 15.49
CA GLU A 894 6.23 -5.44 14.26
C GLU A 894 6.09 -6.97 14.16
N ASN A 895 6.20 -7.66 15.29
CA ASN A 895 6.09 -9.11 15.26
C ASN A 895 4.67 -9.51 14.78
N ILE A 896 3.64 -8.84 15.29
CA ILE A 896 2.28 -9.07 14.85
C ILE A 896 2.07 -8.78 13.35
N LYS A 897 2.65 -7.70 12.85
CA LYS A 897 2.51 -7.35 11.43
C LYS A 897 3.12 -8.43 10.55
N GLU A 898 4.26 -8.96 10.98
CA GLU A 898 4.98 -9.93 10.16
C GLU A 898 4.33 -11.31 10.18
N LEU A 899 3.97 -11.77 11.37
CA LEU A 899 3.13 -12.94 11.52
C LEU A 899 1.98 -12.92 10.49
N LYS A 900 1.21 -11.83 10.47
CA LYS A 900 0.07 -11.69 9.56
C LYS A 900 0.51 -11.76 8.10
N ALA A 901 1.67 -11.19 7.79
CA ALA A 901 2.14 -11.21 6.42
C ALA A 901 2.60 -12.63 6.06
N GLY A 902 3.01 -13.40 7.06
CA GLY A 902 3.36 -14.78 6.82
C GLY A 902 2.12 -15.60 6.53
N TYR A 903 1.15 -15.45 7.42
CA TYR A 903 -0.13 -16.12 7.32
C TYR A 903 -0.73 -15.98 5.93
N ILE A 904 -0.64 -14.78 5.37
CA ILE A 904 -1.27 -14.58 4.07
C ILE A 904 -0.51 -15.26 2.94
N SER A 905 0.78 -15.56 3.14
CA SER A 905 1.46 -16.33 2.12
C SER A 905 0.97 -17.75 2.19
N GLN A 906 0.45 -18.19 3.33
CA GLN A 906 -0.09 -19.55 3.42
C GLN A 906 -1.45 -19.58 2.73
N VAL A 907 -2.24 -18.52 2.95
CA VAL A 907 -3.60 -18.49 2.46
C VAL A 907 -3.65 -18.50 0.94
N VAL A 908 -2.75 -17.75 0.33
CA VAL A 908 -2.66 -17.69 -1.13
C VAL A 908 -2.67 -19.10 -1.72
N HIS A 909 -1.89 -20.01 -1.12
CA HIS A 909 -1.91 -21.38 -1.56
C HIS A 909 -3.26 -22.09 -1.40
N LYS A 910 -3.90 -21.94 -0.24
CA LYS A 910 -5.25 -22.48 -0.06
C LYS A 910 -6.27 -21.99 -1.10
N ILE A 911 -6.17 -20.75 -1.50
CA ILE A 911 -7.10 -20.21 -2.49
C ILE A 911 -6.83 -20.82 -3.86
N CYS A 912 -5.56 -20.87 -4.24
CA CYS A 912 -5.19 -21.53 -5.49
C CYS A 912 -5.73 -22.95 -5.62
N GLU A 913 -5.69 -23.74 -4.56
CA GLU A 913 -6.18 -25.12 -4.65
C GLU A 913 -7.67 -25.13 -4.91
N LEU A 914 -8.37 -24.23 -4.22
CA LEU A 914 -9.82 -24.14 -4.35
C LEU A 914 -10.20 -23.68 -5.75
N VAL A 915 -9.48 -22.72 -6.29
CA VAL A 915 -9.73 -22.30 -7.65
C VAL A 915 -9.58 -23.46 -8.62
N GLU A 916 -8.48 -24.21 -8.47
CA GLU A 916 -8.17 -25.36 -9.35
C GLU A 916 -9.20 -26.47 -9.19
N LYS A 917 -9.50 -26.80 -7.93
CA LYS A 917 -10.52 -27.77 -7.59
C LYS A 917 -11.92 -27.47 -8.16
N TYR A 918 -12.41 -26.25 -8.03
CA TYR A 918 -13.78 -25.97 -8.48
C TYR A 918 -13.87 -25.19 -9.76
N ASP A 919 -12.73 -24.94 -10.42
CA ASP A 919 -12.70 -24.10 -11.60
C ASP A 919 -13.41 -22.81 -11.25
N ALA A 920 -13.18 -22.31 -10.03
CA ALA A 920 -14.01 -21.22 -9.53
C ALA A 920 -13.40 -19.84 -9.60
N VAL A 921 -14.31 -18.90 -9.75
CA VAL A 921 -14.08 -17.48 -9.80
C VAL A 921 -14.00 -17.00 -8.32
N ILE A 922 -13.24 -15.96 -8.03
CA ILE A 922 -13.05 -15.52 -6.64
C ILE A 922 -13.84 -14.24 -6.30
N ALA A 923 -14.54 -14.22 -5.17
CA ALA A 923 -15.28 -13.01 -4.74
C ALA A 923 -14.64 -12.39 -3.50
N LEU A 924 -14.21 -11.13 -3.62
CA LEU A 924 -13.43 -10.43 -2.59
C LEU A 924 -14.02 -9.06 -2.26
N GLU A 925 -13.79 -8.58 -1.03
CA GLU A 925 -14.24 -7.25 -0.69
C GLU A 925 -13.51 -6.17 -1.48
N ASP A 926 -14.28 -5.24 -2.00
CA ASP A 926 -13.74 -3.97 -2.49
C ASP A 926 -13.40 -3.09 -1.28
N LEU A 927 -12.12 -2.74 -1.15
CA LEU A 927 -11.62 -2.07 0.05
C LEU A 927 -11.54 -0.57 -0.18
N ASN A 928 -12.08 -0.17 -1.33
CA ASN A 928 -12.43 1.20 -1.64
C ASN A 928 -13.85 1.55 -1.23
N SER A 929 -14.65 0.58 -0.81
CA SER A 929 -15.93 0.87 -0.20
C SER A 929 -15.96 0.13 1.11
N GLY A 930 -16.05 0.84 2.22
CA GLY A 930 -15.96 0.15 3.48
C GLY A 930 -16.43 0.87 4.72
N PHE A 931 -16.55 0.11 5.80
CA PHE A 931 -16.58 0.62 7.15
C PHE A 931 -15.50 -0.14 7.89
N LYS A 932 -14.65 0.55 8.63
CA LYS A 932 -13.67 -0.14 9.44
C LYS A 932 -14.42 -0.88 10.53
N ASN A 933 -14.06 -2.12 10.79
CA ASN A 933 -14.68 -2.87 11.85
C ASN A 933 -13.64 -3.24 12.89
N SER A 934 -13.86 -2.82 14.12
CA SER A 934 -12.87 -3.02 15.17
C SER A 934 -12.66 -4.48 15.45
N ARG A 935 -13.75 -5.22 15.39
CA ARG A 935 -13.75 -6.63 15.73
C ARG A 935 -12.88 -7.50 14.83
N VAL A 936 -12.86 -7.22 13.53
CA VAL A 936 -12.06 -8.00 12.59
C VAL A 936 -10.54 -7.82 12.80
N LYS A 937 -9.79 -8.90 12.65
CA LYS A 937 -8.42 -9.00 13.10
C LYS A 937 -7.42 -8.74 11.98
N VAL A 938 -7.84 -8.98 10.75
CA VAL A 938 -6.99 -8.63 9.65
C VAL A 938 -7.39 -7.23 9.20
N GLU A 939 -6.55 -6.25 9.53
CA GLU A 939 -6.88 -4.86 9.18
C GLU A 939 -6.69 -4.60 7.67
N LYS A 940 -7.28 -3.51 7.21
CA LYS A 940 -7.28 -3.10 5.80
C LYS A 940 -5.94 -3.17 5.11
N GLN A 941 -4.90 -2.75 5.82
CA GLN A 941 -3.58 -2.61 5.24
C GLN A 941 -2.96 -3.98 4.99
N VAL A 942 -3.30 -4.96 5.82
CA VAL A 942 -2.85 -6.32 5.60
C VAL A 942 -3.67 -6.99 4.51
N TYR A 943 -4.98 -6.76 4.54
CA TYR A 943 -5.86 -7.31 3.51
C TYR A 943 -5.50 -6.82 2.12
N GLN A 944 -5.06 -5.57 2.01
CA GLN A 944 -4.74 -4.99 0.71
C GLN A 944 -3.52 -5.67 0.17
N LYS A 945 -2.56 -5.88 1.05
CA LYS A 945 -1.38 -6.67 0.73
C LYS A 945 -1.80 -8.07 0.21
N PHE A 946 -2.79 -8.66 0.87
CA PHE A 946 -3.27 -10.00 0.55
C PHE A 946 -3.82 -10.04 -0.86
N GLU A 947 -4.67 -9.07 -1.15
CA GLU A 947 -5.27 -8.93 -2.46
C GLU A 947 -4.28 -8.67 -3.56
N LYS A 948 -3.24 -7.89 -3.27
CA LYS A 948 -2.18 -7.71 -4.26
C LYS A 948 -1.47 -9.05 -4.54
N MET A 949 -1.18 -9.81 -3.49
CA MET A 949 -0.48 -11.09 -3.58
C MET A 949 -1.24 -12.16 -4.35
N LEU A 950 -2.53 -12.21 -4.10
CA LEU A 950 -3.47 -13.06 -4.81
C LEU A 950 -3.35 -12.76 -6.30
N ILE A 951 -3.46 -11.49 -6.66
CA ILE A 951 -3.43 -11.10 -8.07
C ILE A 951 -2.10 -11.52 -8.64
N ASP A 952 -1.04 -11.31 -7.90
CA ASP A 952 0.28 -11.63 -8.37
C ASP A 952 0.44 -13.11 -8.64
N LYS A 953 -0.10 -13.94 -7.76
CA LYS A 953 -0.02 -15.38 -7.98
C LYS A 953 -0.78 -15.76 -9.22
N LEU A 954 -1.95 -15.17 -9.39
CA LEU A 954 -2.84 -15.56 -10.46
C LEU A 954 -2.32 -15.15 -11.82
N ASN A 955 -1.32 -14.28 -11.85
CA ASN A 955 -0.71 -13.95 -13.13
C ASN A 955 -0.08 -15.18 -13.75
N TYR A 956 0.62 -15.96 -12.95
CA TYR A 956 1.05 -17.28 -13.34
C TYR A 956 0.84 -18.17 -12.14
N MET A 957 -0.13 -19.07 -12.21
CA MET A 957 -0.46 -19.87 -11.06
C MET A 957 -0.05 -21.29 -11.27
N VAL A 958 0.78 -21.78 -10.36
CA VAL A 958 1.38 -23.09 -10.47
C VAL A 958 1.06 -23.89 -9.23
N ASP A 959 0.71 -25.15 -9.43
CA ASP A 959 0.69 -26.10 -8.34
C ASP A 959 2.00 -26.88 -8.42
N LYS A 960 2.82 -26.74 -7.37
CA LYS A 960 4.15 -27.35 -7.31
C LYS A 960 4.13 -28.87 -7.45
N LYS A 961 3.07 -29.52 -7.01
CA LYS A 961 3.03 -30.98 -7.01
C LYS A 961 2.46 -31.55 -8.30
N SER A 962 2.13 -30.68 -9.25
CA SER A 962 1.74 -31.19 -10.55
C SER A 962 2.97 -31.49 -11.40
N ASN A 963 2.82 -32.38 -12.37
CA ASN A 963 3.91 -32.56 -13.31
C ASN A 963 4.01 -31.32 -14.18
N PRO A 964 5.21 -30.73 -14.23
CA PRO A 964 5.44 -29.40 -14.77
C PRO A 964 4.83 -29.12 -16.16
N CYS A 965 4.77 -30.12 -17.04
CA CYS A 965 4.27 -29.90 -18.39
C CYS A 965 2.76 -29.94 -18.42
N ALA A 966 2.16 -30.46 -17.35
CA ALA A 966 0.69 -30.50 -17.26
C ALA A 966 0.12 -29.09 -17.13
N THR A 967 -1.09 -28.86 -17.62
CA THR A 967 -1.68 -27.53 -17.48
C THR A 967 -1.87 -27.20 -15.99
N GLY A 968 -1.27 -26.11 -15.53
CA GLY A 968 -1.34 -25.72 -14.13
C GLY A 968 -0.07 -26.11 -13.39
N GLY A 969 0.76 -26.89 -14.08
CA GLY A 969 2.10 -27.23 -13.61
C GLY A 969 3.03 -26.09 -13.94
N ALA A 970 4.32 -26.23 -13.62
CA ALA A 970 5.25 -25.11 -13.67
C ALA A 970 5.58 -24.57 -15.09
N LEU A 971 5.26 -25.34 -16.13
CA LEU A 971 5.52 -24.91 -17.49
C LEU A 971 4.22 -24.48 -18.18
N LYS A 972 3.10 -24.61 -17.49
CA LYS A 972 1.83 -24.23 -18.05
C LYS A 972 0.98 -23.61 -16.95
N GLY A 973 1.44 -22.51 -16.39
CA GLY A 973 0.72 -21.92 -15.28
C GLY A 973 -0.53 -21.19 -15.77
N TYR A 974 -1.56 -21.12 -14.94
CA TYR A 974 -2.76 -20.39 -15.27
C TYR A 974 -2.51 -18.92 -15.16
N GLN A 975 -3.01 -18.19 -16.13
CA GLN A 975 -2.90 -16.73 -16.07
C GLN A 975 -4.31 -16.14 -16.06
N ILE A 976 -4.90 -16.06 -14.86
CA ILE A 976 -6.30 -15.75 -14.73
C ILE A 976 -6.52 -14.36 -14.13
N THR A 977 -5.42 -13.60 -14.15
CA THR A 977 -5.34 -12.29 -13.57
C THR A 977 -4.46 -11.41 -14.46
N ASN A 978 -4.80 -10.14 -14.57
CA ASN A 978 -3.95 -9.14 -15.18
C ASN A 978 -2.92 -8.59 -14.21
N LYS A 979 -1.89 -7.93 -14.70
CA LYS A 979 -0.88 -7.38 -13.80
C LYS A 979 -1.46 -6.31 -12.88
N PHE A 980 -1.02 -6.32 -11.64
CA PHE A 980 -1.50 -5.37 -10.66
C PHE A 980 -1.11 -3.98 -11.11
N GLU A 981 -2.04 -3.03 -11.01
CA GLU A 981 -1.74 -1.64 -11.36
C GLU A 981 -1.68 -0.73 -10.15
N SER A 982 -2.74 -0.70 -9.37
CA SER A 982 -2.76 0.07 -8.14
C SER A 982 -3.85 -0.48 -7.23
N PHE A 983 -3.77 -0.17 -5.95
CA PHE A 983 -4.80 -0.58 -5.00
C PHE A 983 -6.11 0.07 -5.38
N LYS A 984 -6.02 1.29 -5.89
CA LYS A 984 -7.18 2.02 -6.33
C LYS A 984 -7.79 1.18 -7.43
N SER A 985 -6.95 0.38 -8.05
CA SER A 985 -7.34 -0.40 -9.22
C SER A 985 -7.88 -1.77 -8.84
N MET A 986 -7.93 -2.05 -7.56
CA MET A 986 -8.60 -3.25 -7.11
C MET A 986 -10.08 -3.01 -6.93
N SER A 987 -10.79 -2.94 -8.04
CA SER A 987 -12.23 -2.73 -8.06
C SER A 987 -12.81 -3.36 -9.32
N THR A 988 -14.11 -3.60 -9.32
CA THR A 988 -14.75 -4.30 -10.44
C THR A 988 -14.16 -5.69 -10.59
N GLN A 989 -13.70 -6.06 -11.76
CA GLN A 989 -13.10 -7.38 -11.95
C GLN A 989 -11.69 -7.37 -12.52
N ASN A 990 -10.80 -8.14 -11.92
CA ASN A 990 -9.53 -8.48 -12.53
C ASN A 990 -9.49 -9.99 -12.87
N GLY A 991 -9.86 -10.33 -14.10
CA GLY A 991 -9.93 -11.73 -14.52
C GLY A 991 -10.85 -12.59 -13.66
N PHE A 992 -10.31 -13.55 -12.91
CA PHE A 992 -11.11 -14.47 -12.11
C PHE A 992 -11.48 -13.82 -10.78
N ILE A 993 -10.92 -12.64 -10.52
CA ILE A 993 -11.23 -11.94 -9.27
C ILE A 993 -12.31 -10.84 -9.40
N PHE A 994 -13.35 -10.90 -8.58
CA PHE A 994 -14.40 -9.85 -8.59
C PHE A 994 -14.41 -9.16 -7.24
N TYR A 995 -14.50 -7.84 -7.26
CA TYR A 995 -14.45 -7.02 -6.04
C TYR A 995 -15.84 -6.55 -5.66
N ILE A 996 -16.26 -6.95 -4.49
CA ILE A 996 -17.64 -6.80 -4.08
C ILE A 996 -17.71 -5.88 -2.86
N PRO A 997 -18.71 -4.99 -2.78
CA PRO A 997 -18.89 -4.30 -1.50
C PRO A 997 -19.53 -5.21 -0.44
N ALA A 998 -19.03 -5.14 0.80
CA ALA A 998 -19.50 -5.92 1.93
C ALA A 998 -20.85 -5.47 2.50
N TRP A 999 -21.35 -4.31 2.08
CA TRP A 999 -22.65 -3.83 2.55
C TRP A 999 -23.68 -4.96 2.59
N LEU A 1000 -24.21 -5.23 3.77
CA LEU A 1000 -25.39 -6.06 3.92
C LEU A 1000 -25.16 -7.55 3.56
N THR A 1001 -23.93 -8.02 3.80
CA THR A 1001 -23.54 -9.40 3.57
C THR A 1001 -23.47 -10.27 4.83
N SER A 1002 -23.35 -9.63 6.00
CA SER A 1002 -23.30 -10.36 7.29
C SER A 1002 -24.58 -10.37 8.10
N LYS A 1003 -25.15 -9.19 8.36
CA LYS A 1003 -26.41 -9.05 9.07
C LYS A 1003 -27.57 -9.16 8.10
N ILE A 1004 -27.82 -10.36 7.60
CA ILE A 1004 -28.93 -10.58 6.70
C ILE A 1004 -29.25 -12.06 6.78
N ASP A 1005 -30.53 -12.37 6.80
CA ASP A 1005 -30.95 -13.75 6.94
C ASP A 1005 -30.63 -14.40 5.64
N PRO A 1006 -29.73 -15.48 5.71
CA PRO A 1006 -29.50 -16.13 4.41
C PRO A 1006 -30.75 -16.79 3.87
N SER A 1007 -31.55 -17.34 4.77
CA SER A 1007 -32.77 -18.05 4.44
C SER A 1007 -33.84 -17.20 3.78
N THR A 1008 -34.02 -15.97 4.26
CA THR A 1008 -35.04 -15.09 3.71
C THR A 1008 -34.50 -13.87 2.99
N GLY A 1009 -33.28 -13.47 3.30
CA GLY A 1009 -32.75 -12.24 2.77
C GLY A 1009 -33.26 -11.03 3.53
N PHE A 1010 -33.90 -11.28 4.67
CA PHE A 1010 -34.39 -10.21 5.51
C PHE A 1010 -33.24 -9.45 6.13
N VAL A 1011 -33.37 -8.14 6.11
CA VAL A 1011 -32.38 -7.29 6.70
C VAL A 1011 -33.13 -6.27 7.54
N ASN A 1012 -32.64 -5.98 8.74
CA ASN A 1012 -33.26 -5.00 9.61
C ASN A 1012 -33.02 -3.58 9.13
N LEU A 1013 -34.06 -2.93 8.60
CA LEU A 1013 -33.89 -1.54 8.15
C LEU A 1013 -34.54 -0.48 9.07
N LEU A 1014 -35.05 -0.89 10.23
CA LEU A 1014 -35.68 0.06 11.13
C LEU A 1014 -34.68 0.63 12.11
N LYS A 1015 -35.08 1.73 12.75
CA LYS A 1015 -34.27 2.37 13.77
C LYS A 1015 -35.02 2.22 15.08
N THR A 1016 -34.41 1.53 16.02
CA THR A 1016 -35.05 1.18 17.26
C THR A 1016 -34.52 1.96 18.45
N LYS A 1017 -33.63 2.90 18.21
CA LYS A 1017 -33.12 3.71 19.30
C LYS A 1017 -34.29 4.49 19.82
N TYR A 1018 -34.44 4.57 21.14
CA TYR A 1018 -35.54 5.32 21.71
C TYR A 1018 -35.22 6.78 21.55
N THR A 1019 -36.17 7.55 21.05
CA THR A 1019 -35.96 8.99 20.91
C THR A 1019 -36.90 9.80 21.77
N SER A 1020 -38.19 9.62 21.55
CA SER A 1020 -39.19 10.39 22.25
C SER A 1020 -40.43 9.54 22.44
N ILE A 1021 -41.25 9.91 23.41
CA ILE A 1021 -42.47 9.19 23.70
C ILE A 1021 -43.42 9.25 22.51
N ALA A 1022 -43.47 10.41 21.86
CA ALA A 1022 -44.29 10.58 20.68
C ALA A 1022 -43.82 9.70 19.55
N ASP A 1023 -42.51 9.66 19.35
CA ASP A 1023 -41.90 8.92 18.26
C ASP A 1023 -42.16 7.43 18.40
N SER A 1024 -42.09 6.96 19.63
CA SER A 1024 -42.34 5.56 19.95
C SER A 1024 -43.76 5.16 19.56
N LYS A 1025 -44.72 6.04 19.87
CA LYS A 1025 -46.09 5.81 19.46
C LYS A 1025 -46.17 5.70 17.94
N LYS A 1026 -45.57 6.67 17.26
CA LYS A 1026 -45.59 6.67 15.80
C LYS A 1026 -45.03 5.35 15.28
N PHE A 1027 -43.89 4.94 15.84
CA PHE A 1027 -43.26 3.68 15.50
C PHE A 1027 -44.26 2.52 15.62
N ILE A 1028 -44.71 2.28 16.85
CA ILE A 1028 -45.73 1.27 17.12
C ILE A 1028 -46.89 1.34 16.14
N SER A 1029 -47.37 2.55 15.87
CA SER A 1029 -48.53 2.78 15.00
C SER A 1029 -48.23 2.51 13.53
N SER A 1030 -46.98 2.73 13.14
CA SER A 1030 -46.59 2.47 11.76
C SER A 1030 -46.62 0.98 11.42
N PHE A 1031 -46.77 0.16 12.44
CA PHE A 1031 -46.96 -1.27 12.24
C PHE A 1031 -48.35 -1.59 11.77
N ASP A 1032 -48.45 -2.58 10.90
CA ASP A 1032 -49.72 -3.07 10.42
C ASP A 1032 -50.50 -3.68 11.56
N ARG A 1033 -49.82 -4.52 12.33
CA ARG A 1033 -50.46 -5.33 13.36
C ARG A 1033 -49.49 -5.64 14.48
N ILE A 1034 -50.01 -5.86 15.69
CA ILE A 1034 -49.23 -6.49 16.75
C ILE A 1034 -50.16 -7.40 17.55
N MET A 1035 -50.00 -8.71 17.35
CA MET A 1035 -50.87 -9.73 17.91
C MET A 1035 -50.13 -10.90 18.55
N TYR A 1036 -50.52 -11.29 19.75
CA TYR A 1036 -49.97 -12.50 20.37
C TYR A 1036 -50.63 -13.73 19.75
N VAL A 1037 -49.84 -14.67 19.26
CA VAL A 1037 -50.45 -15.87 18.70
C VAL A 1037 -50.42 -17.00 19.71
N PRO A 1038 -51.62 -17.50 20.04
CA PRO A 1038 -51.82 -18.51 21.07
C PRO A 1038 -51.33 -19.89 20.64
N GLU A 1039 -51.63 -20.26 19.39
CA GLU A 1039 -51.26 -21.55 18.84
C GLU A 1039 -49.75 -21.77 18.93
N GLU A 1040 -49.00 -20.86 18.32
CA GLU A 1040 -47.54 -20.96 18.27
C GLU A 1040 -46.85 -20.25 19.43
N ASP A 1041 -47.63 -19.83 20.42
CA ASP A 1041 -47.12 -19.08 21.58
C ASP A 1041 -46.11 -18.00 21.19
N LEU A 1042 -46.51 -17.09 20.31
CA LEU A 1042 -45.60 -16.07 19.82
C LEU A 1042 -46.25 -14.72 19.59
N PHE A 1043 -45.45 -13.67 19.71
CA PHE A 1043 -45.91 -12.37 19.31
C PHE A 1043 -45.57 -12.13 17.85
N GLU A 1044 -46.53 -11.61 17.10
CA GLU A 1044 -46.33 -11.35 15.67
C GLU A 1044 -46.45 -9.87 15.32
N PHE A 1045 -45.32 -9.24 15.00
CA PHE A 1045 -45.28 -7.89 14.44
C PHE A 1045 -45.24 -7.97 12.92
N ALA A 1046 -46.29 -7.51 12.25
CA ALA A 1046 -46.29 -7.52 10.79
C ALA A 1046 -46.23 -6.11 10.23
N LEU A 1047 -45.26 -5.85 9.36
CA LEU A 1047 -44.95 -4.49 8.94
C LEU A 1047 -44.75 -4.30 7.44
N ASP A 1048 -44.90 -3.07 7.00
CA ASP A 1048 -44.62 -2.69 5.64
C ASP A 1048 -43.50 -1.68 5.71
N TYR A 1049 -42.44 -1.90 4.95
CA TYR A 1049 -41.27 -1.03 5.01
C TYR A 1049 -41.58 0.35 4.46
N LYS A 1050 -42.68 0.45 3.73
CA LYS A 1050 -43.15 1.72 3.18
C LYS A 1050 -43.48 2.71 4.27
N ASN A 1051 -44.04 2.21 5.37
CA ASN A 1051 -44.47 3.03 6.50
C ASN A 1051 -43.34 3.60 7.31
N PHE A 1052 -42.12 3.15 7.03
CA PHE A 1052 -40.92 3.60 7.73
C PHE A 1052 -39.97 4.28 6.75
N SER A 1053 -39.07 5.12 7.25
CA SER A 1053 -38.22 5.89 6.36
C SER A 1053 -36.92 5.17 6.01
N ARG A 1054 -36.35 5.56 4.89
CA ARG A 1054 -35.09 5.01 4.42
C ARG A 1054 -35.10 3.50 4.28
N THR A 1055 -36.17 2.96 3.68
CA THR A 1055 -36.30 1.54 3.41
C THR A 1055 -36.38 1.25 1.91
N ASP A 1056 -36.00 2.21 1.09
CA ASP A 1056 -36.12 2.07 -0.35
C ASP A 1056 -35.50 0.79 -0.93
N ALA A 1057 -34.45 0.29 -0.30
CA ALA A 1057 -33.74 -0.85 -0.87
C ALA A 1057 -34.47 -2.18 -0.72
N ASP A 1058 -35.40 -2.27 0.24
CA ASP A 1058 -36.05 -3.57 0.49
C ASP A 1058 -36.93 -3.88 -0.69
N TYR A 1059 -36.94 -5.14 -1.12
CA TYR A 1059 -37.75 -5.54 -2.25
C TYR A 1059 -39.04 -6.12 -1.75
N ILE A 1060 -38.96 -7.01 -0.78
CA ILE A 1060 -40.17 -7.57 -0.21
C ILE A 1060 -40.50 -6.63 0.92
N LYS A 1061 -41.42 -5.72 0.65
CA LYS A 1061 -41.69 -4.67 1.60
C LYS A 1061 -42.25 -5.20 2.92
N LYS A 1062 -43.08 -6.23 2.84
CA LYS A 1062 -43.85 -6.64 3.99
C LYS A 1062 -43.32 -7.91 4.62
N TRP A 1063 -42.91 -7.80 5.87
CA TRP A 1063 -42.34 -8.90 6.61
C TRP A 1063 -43.06 -9.06 7.94
N LYS A 1064 -43.32 -10.29 8.35
CA LYS A 1064 -43.91 -10.51 9.65
C LYS A 1064 -42.84 -10.96 10.61
N LEU A 1065 -42.72 -10.24 11.73
CA LEU A 1065 -41.68 -10.49 12.71
C LEU A 1065 -42.28 -11.27 13.85
N TYR A 1066 -41.55 -12.25 14.36
CA TYR A 1066 -42.03 -13.05 15.46
C TYR A 1066 -41.04 -13.03 16.60
N SER A 1067 -41.54 -13.23 17.81
CA SER A 1067 -40.74 -13.14 19.03
C SER A 1067 -39.76 -14.29 19.18
N TYR A 1068 -39.96 -15.33 18.37
CA TYR A 1068 -39.36 -16.62 18.63
C TYR A 1068 -37.85 -16.63 18.64
N GLY A 1069 -37.31 -17.51 19.48
CA GLY A 1069 -35.90 -17.58 19.75
C GLY A 1069 -35.50 -16.70 20.90
N ASN A 1070 -34.21 -16.69 21.21
CA ASN A 1070 -33.66 -15.88 22.27
C ASN A 1070 -32.41 -15.20 21.77
N ARG A 1071 -31.96 -14.18 22.48
CA ARG A 1071 -30.91 -13.28 21.97
C ARG A 1071 -29.91 -12.94 23.06
N ILE A 1072 -28.68 -12.65 22.67
CA ILE A 1072 -27.68 -12.22 23.63
C ILE A 1072 -27.65 -10.71 23.63
N ARG A 1073 -27.73 -10.11 24.81
CA ARG A 1073 -27.80 -8.66 24.95
C ARG A 1073 -26.58 -8.13 25.66
N ILE A 1074 -26.11 -6.96 25.27
CA ILE A 1074 -24.88 -6.42 25.85
C ILE A 1074 -25.03 -6.19 27.35
N PHE A 1075 -26.16 -5.60 27.76
CA PHE A 1075 -26.60 -5.62 29.14
C PHE A 1075 -25.53 -5.15 30.10
N ARG A 1076 -24.84 -4.06 29.77
CA ARG A 1076 -23.65 -3.69 30.54
C ARG A 1076 -23.92 -3.36 32.01
N ASN A 1077 -23.10 -3.92 32.89
CA ASN A 1077 -23.10 -3.61 34.32
C ASN A 1077 -21.66 -3.46 34.79
N PRO A 1078 -21.43 -2.59 35.76
CA PRO A 1078 -20.07 -2.31 36.25
C PRO A 1078 -19.21 -3.55 36.43
N ASP A 1085 -19.36 -6.82 30.09
CA ASP A 1085 -20.72 -6.35 29.93
C ASP A 1085 -21.54 -7.34 29.12
N TRP A 1086 -22.04 -8.39 29.75
CA TRP A 1086 -22.87 -9.39 29.07
C TRP A 1086 -23.94 -10.04 29.96
N GLU A 1087 -25.17 -10.11 29.44
CA GLU A 1087 -26.22 -11.02 29.94
C GLU A 1087 -27.09 -11.53 28.76
N GLU A 1088 -27.88 -12.58 28.97
CA GLU A 1088 -28.76 -13.08 27.91
C GLU A 1088 -30.25 -12.91 28.23
N VAL A 1089 -31.06 -12.83 27.17
CA VAL A 1089 -32.49 -12.56 27.27
C VAL A 1089 -33.36 -13.38 26.33
N CYS A 1090 -34.46 -13.91 26.85
CA CYS A 1090 -35.49 -14.56 26.04
C CYS A 1090 -36.37 -13.50 25.41
N LEU A 1091 -37.04 -13.81 24.30
CA LEU A 1091 -37.86 -12.79 23.65
C LEU A 1091 -39.33 -12.73 24.05
N THR A 1092 -40.05 -13.85 23.93
CA THR A 1092 -41.46 -13.86 24.28
C THR A 1092 -41.67 -13.59 25.76
N SER A 1093 -40.73 -14.08 26.57
CA SER A 1093 -40.83 -13.89 28.00
C SER A 1093 -40.81 -12.40 28.30
N ALA A 1094 -39.97 -11.66 27.59
CA ALA A 1094 -39.91 -10.22 27.74
C ALA A 1094 -41.21 -9.52 27.34
N TYR A 1095 -41.81 -9.98 26.24
CA TYR A 1095 -43.09 -9.43 25.79
C TYR A 1095 -44.26 -9.70 26.73
N LYS A 1096 -44.29 -10.91 27.29
CA LYS A 1096 -45.19 -11.33 28.37
C LYS A 1096 -44.91 -10.60 29.68
N GLU A 1097 -43.64 -10.59 30.10
CA GLU A 1097 -43.26 -9.84 31.29
C GLU A 1097 -43.66 -8.38 31.22
N LEU A 1098 -43.09 -7.65 30.26
CA LEU A 1098 -43.29 -6.21 30.13
C LEU A 1098 -44.76 -5.79 30.10
N PHE A 1099 -45.57 -6.56 29.38
CA PHE A 1099 -46.98 -6.28 29.23
C PHE A 1099 -47.72 -6.46 30.55
N ASN A 1100 -47.44 -7.58 31.23
CA ASN A 1100 -47.97 -7.82 32.56
C ASN A 1100 -47.61 -6.65 33.45
N LYS A 1101 -46.32 -6.32 33.44
CA LYS A 1101 -45.77 -5.22 34.23
C LYS A 1101 -46.64 -3.96 34.14
N TYR A 1102 -47.16 -3.66 32.95
CA TYR A 1102 -47.89 -2.40 32.76
C TYR A 1102 -49.42 -2.50 32.70
N GLY A 1103 -49.93 -3.70 32.99
CA GLY A 1103 -51.36 -3.94 33.02
C GLY A 1103 -51.96 -4.10 31.64
N ILE A 1104 -51.13 -4.47 30.67
CA ILE A 1104 -51.62 -4.69 29.32
C ILE A 1104 -51.91 -6.16 29.08
N ASN A 1105 -53.18 -6.49 28.89
CA ASN A 1105 -53.52 -7.83 28.45
C ASN A 1105 -53.29 -8.00 26.94
N TYR A 1106 -52.46 -8.98 26.56
CA TYR A 1106 -51.98 -9.10 25.18
C TYR A 1106 -52.71 -10.12 24.31
N GLN A 1107 -53.69 -10.81 24.87
CA GLN A 1107 -54.47 -11.77 24.07
C GLN A 1107 -55.52 -11.02 23.26
N GLN A 1108 -55.35 -9.72 23.15
CA GLN A 1108 -56.28 -8.86 22.43
C GLN A 1108 -55.64 -8.43 21.12
N GLY A 1109 -56.35 -8.61 20.02
CA GLY A 1109 -55.75 -8.44 18.70
C GLY A 1109 -55.27 -7.03 18.40
N ASP A 1110 -54.20 -6.92 17.64
CA ASP A 1110 -53.74 -5.60 17.23
C ASP A 1110 -53.60 -4.63 18.38
N ILE A 1111 -52.66 -4.89 19.27
CA ILE A 1111 -52.55 -4.14 20.52
C ILE A 1111 -51.86 -2.79 20.31
N ARG A 1112 -51.66 -2.40 19.06
CA ARG A 1112 -51.02 -1.12 18.80
C ARG A 1112 -51.80 0.08 19.35
N ALA A 1113 -53.12 0.13 19.16
CA ALA A 1113 -53.87 1.17 19.83
C ALA A 1113 -53.67 1.11 21.35
N LEU A 1114 -53.91 -0.07 21.93
CA LEU A 1114 -53.68 -0.30 23.36
C LEU A 1114 -52.32 0.22 23.82
N LEU A 1115 -51.24 -0.27 23.21
CA LEU A 1115 -49.89 0.02 23.64
C LEU A 1115 -49.60 1.51 23.71
N CYS A 1116 -50.21 2.26 22.81
CA CYS A 1116 -49.97 3.70 22.77
C CYS A 1116 -50.64 4.46 23.92
N GLU A 1117 -51.51 3.76 24.66
CA GLU A 1117 -52.19 4.38 25.79
C GLU A 1117 -51.28 4.64 27.01
N GLN A 1118 -50.12 3.97 27.04
CA GLN A 1118 -49.14 4.13 28.12
C GLN A 1118 -48.62 5.55 28.31
N SER A 1119 -48.40 5.93 29.57
CA SER A 1119 -48.19 7.34 29.90
C SER A 1119 -46.74 7.75 30.22
N ASP A 1120 -45.85 6.77 30.40
CA ASP A 1120 -44.48 7.08 30.82
C ASP A 1120 -43.39 6.43 29.95
N LYS A 1121 -42.23 7.08 29.89
CA LYS A 1121 -41.09 6.67 29.11
C LYS A 1121 -40.77 5.21 29.33
N ALA A 1122 -40.76 4.82 30.61
CA ALA A 1122 -40.38 3.47 31.02
C ALA A 1122 -41.01 2.36 30.19
N PHE A 1123 -42.30 2.44 29.89
CA PHE A 1123 -42.88 1.42 29.03
C PHE A 1123 -42.21 1.46 27.67
N TYR A 1124 -42.17 2.66 27.11
CA TYR A 1124 -41.72 2.85 25.74
C TYR A 1124 -40.22 2.61 25.59
N SER A 1125 -39.44 3.14 26.53
CA SER A 1125 -38.00 2.97 26.48
C SER A 1125 -37.64 1.49 26.48
N SER A 1126 -38.39 0.70 27.25
CA SER A 1126 -38.09 -0.71 27.31
C SER A 1126 -38.77 -1.55 26.21
N PHE A 1127 -39.87 -1.07 25.65
CA PHE A 1127 -40.48 -1.71 24.49
C PHE A 1127 -39.58 -1.64 23.25
N MET A 1128 -38.89 -0.51 23.11
CA MET A 1128 -38.06 -0.30 21.95
C MET A 1128 -36.78 -1.12 22.05
N ALA A 1129 -36.17 -1.10 23.24
CA ALA A 1129 -34.95 -1.86 23.52
C ALA A 1129 -35.23 -3.34 23.29
N LEU A 1130 -36.42 -3.77 23.69
CA LEU A 1130 -36.87 -5.12 23.42
C LEU A 1130 -36.95 -5.37 21.91
N MET A 1131 -37.55 -4.44 21.19
CA MET A 1131 -37.72 -4.58 19.75
C MET A 1131 -36.39 -4.65 19.00
N SER A 1132 -35.47 -3.80 19.41
CA SER A 1132 -34.19 -3.68 18.75
C SER A 1132 -33.42 -4.97 18.86
N LEU A 1133 -33.50 -5.61 20.01
CA LEU A 1133 -32.84 -6.87 20.24
C LEU A 1133 -33.36 -7.95 19.32
N MET A 1134 -34.67 -7.97 19.13
CA MET A 1134 -35.30 -8.97 18.28
C MET A 1134 -34.81 -8.85 16.86
N LEU A 1135 -34.58 -7.63 16.43
CA LEU A 1135 -34.06 -7.36 15.10
C LEU A 1135 -32.55 -7.52 15.05
N GLN A 1136 -31.94 -7.76 16.20
CA GLN A 1136 -30.51 -7.98 16.25
C GLN A 1136 -30.24 -9.44 15.98
N MET A 1137 -30.02 -9.74 14.72
CA MET A 1137 -29.77 -11.08 14.25
C MET A 1137 -28.48 -11.69 14.76
N ARG A 1138 -27.42 -10.90 14.85
CA ARG A 1138 -26.13 -11.45 15.20
C ARG A 1138 -25.84 -11.33 16.66
N ASN A 1139 -25.59 -12.46 17.30
CA ASN A 1139 -25.42 -12.52 18.74
C ASN A 1139 -24.11 -13.17 19.15
N SER A 1140 -23.40 -12.52 20.07
CA SER A 1140 -22.07 -12.99 20.48
C SER A 1140 -21.61 -12.58 21.89
N ILE A 1141 -21.25 -13.58 22.70
CA ILE A 1141 -20.71 -13.34 24.04
C ILE A 1141 -19.30 -12.80 24.16
N THR A 1142 -18.43 -13.29 23.28
CA THR A 1142 -17.05 -12.85 23.10
C THR A 1142 -16.07 -13.41 24.12
N GLY A 1143 -16.59 -14.14 25.09
CA GLY A 1143 -15.76 -14.92 25.98
C GLY A 1143 -15.52 -16.25 25.31
N ARG A 1144 -16.51 -16.64 24.52
CA ARG A 1144 -16.62 -17.99 24.01
C ARG A 1144 -16.57 -18.00 22.50
N THR A 1145 -15.65 -18.79 21.99
CA THR A 1145 -15.51 -19.01 20.58
C THR A 1145 -16.79 -19.66 20.08
N ASP A 1146 -17.42 -20.41 20.97
CA ASP A 1146 -18.38 -21.42 20.63
C ASP A 1146 -19.57 -20.88 19.85
N VAL A 1147 -20.12 -19.75 20.28
CA VAL A 1147 -21.24 -19.20 19.54
C VAL A 1147 -21.13 -17.72 19.18
N ASP A 1148 -21.20 -17.46 17.87
CA ASP A 1148 -21.41 -16.15 17.30
C ASP A 1148 -22.48 -16.48 16.27
N PHE A 1149 -23.72 -16.61 16.74
CA PHE A 1149 -24.78 -17.14 15.91
C PHE A 1149 -25.68 -16.09 15.27
N LEU A 1150 -26.55 -16.56 14.39
CA LEU A 1150 -27.40 -15.76 13.56
C LEU A 1150 -28.79 -16.35 13.68
N ILE A 1151 -29.74 -15.56 14.18
CA ILE A 1151 -31.11 -16.02 14.24
C ILE A 1151 -32.04 -14.92 13.68
N SER A 1152 -33.07 -15.30 12.94
CA SER A 1152 -33.82 -14.34 12.14
C SER A 1152 -35.29 -14.25 12.59
N PRO A 1153 -35.82 -13.04 12.77
CA PRO A 1153 -37.17 -12.91 13.31
C PRO A 1153 -38.27 -13.22 12.31
N VAL A 1154 -37.88 -13.74 11.15
CA VAL A 1154 -38.82 -13.98 10.06
C VAL A 1154 -38.75 -15.43 9.51
N LYS A 1155 -39.92 -16.04 9.38
CA LYS A 1155 -40.07 -17.38 8.86
C LYS A 1155 -39.82 -17.42 7.37
N ASN A 1156 -39.32 -18.55 6.89
CA ASN A 1156 -39.17 -18.79 5.47
C ASN A 1156 -40.49 -19.29 4.91
N SER A 1157 -40.53 -19.58 3.63
CA SER A 1157 -41.77 -19.98 3.02
C SER A 1157 -42.30 -21.23 3.70
N ASP A 1158 -41.40 -22.15 4.02
CA ASP A 1158 -41.80 -23.40 4.64
C ASP A 1158 -42.22 -23.19 6.09
N GLY A 1159 -41.97 -22.00 6.62
CA GLY A 1159 -42.44 -21.65 7.94
C GLY A 1159 -41.55 -21.78 9.15
N ILE A 1160 -40.27 -22.12 8.97
CA ILE A 1160 -39.37 -22.19 10.12
C ILE A 1160 -38.19 -21.22 10.09
N PHE A 1161 -37.99 -20.51 11.19
CA PHE A 1161 -36.93 -19.50 11.27
C PHE A 1161 -35.49 -20.04 11.27
N TYR A 1162 -34.59 -19.29 10.65
CA TYR A 1162 -33.20 -19.63 10.56
C TYR A 1162 -32.45 -19.38 11.85
N ASP A 1163 -31.84 -20.45 12.37
CA ASP A 1163 -30.84 -20.30 13.42
C ASP A 1163 -29.52 -20.81 12.88
N SER A 1164 -28.43 -20.28 13.39
CA SER A 1164 -27.11 -20.67 12.91
C SER A 1164 -26.63 -21.91 13.62
N ARG A 1165 -27.01 -21.99 14.89
CA ARG A 1165 -26.68 -23.10 15.77
C ARG A 1165 -27.24 -24.46 15.32
N ASN A 1166 -28.24 -24.42 14.45
CA ASN A 1166 -28.78 -25.62 13.86
C ASN A 1166 -27.95 -26.11 12.68
N TYR A 1167 -26.96 -25.32 12.31
CA TYR A 1167 -26.02 -25.72 11.27
C TYR A 1167 -24.62 -25.87 11.81
N GLU A 1168 -24.38 -25.60 13.07
CA GLU A 1168 -23.03 -25.73 13.61
C GLU A 1168 -22.52 -27.15 13.48
N ALA A 1169 -23.40 -28.12 13.75
CA ALA A 1169 -23.04 -29.54 13.80
C ALA A 1169 -22.58 -30.16 12.49
N GLN A 1170 -23.23 -29.80 11.40
CA GLN A 1170 -22.97 -30.43 10.11
C GLN A 1170 -21.63 -30.02 9.51
N GLU A 1171 -21.15 -30.79 8.54
CA GLU A 1171 -19.97 -30.41 7.76
C GLU A 1171 -20.40 -29.87 6.39
N ASN A 1172 -19.95 -28.66 6.03
CA ASN A 1172 -20.26 -28.10 4.70
C ASN A 1172 -21.75 -28.05 4.40
N ALA A 1173 -22.50 -27.56 5.38
CA ALA A 1173 -23.95 -27.55 5.39
C ALA A 1173 -24.48 -26.59 4.35
N ILE A 1174 -25.75 -26.74 4.02
CA ILE A 1174 -26.42 -25.98 2.97
C ILE A 1174 -26.53 -24.45 3.16
N LEU A 1175 -26.73 -24.01 4.40
CA LEU A 1175 -26.75 -22.60 4.75
C LEU A 1175 -25.54 -22.31 5.67
N PRO A 1176 -25.22 -21.01 5.90
CA PRO A 1176 -24.07 -20.64 6.74
C PRO A 1176 -24.14 -21.23 8.13
N LYS A 1177 -22.97 -21.54 8.74
CA LYS A 1177 -22.86 -22.14 10.09
C LYS A 1177 -22.71 -21.14 11.24
N ASN A 1178 -22.16 -19.97 10.96
CA ASN A 1178 -22.08 -18.89 11.92
C ASN A 1178 -22.20 -17.56 11.16
N ALA A 1179 -21.94 -16.44 11.84
CA ALA A 1179 -22.08 -15.16 11.15
C ALA A 1179 -20.88 -14.85 10.28
N ASP A 1180 -19.72 -15.37 10.64
CA ASP A 1180 -18.55 -15.20 9.77
C ASP A 1180 -18.79 -15.82 8.42
N ALA A 1181 -19.36 -17.04 8.40
CA ALA A 1181 -19.64 -17.73 7.15
C ALA A 1181 -20.64 -16.97 6.29
N ASN A 1182 -21.65 -16.43 6.94
CA ASN A 1182 -22.75 -15.77 6.25
C ASN A 1182 -22.17 -14.66 5.40
N GLY A 1183 -21.19 -13.97 5.96
CA GLY A 1183 -20.53 -12.90 5.25
C GLY A 1183 -19.77 -13.36 4.02
N ALA A 1184 -18.95 -14.40 4.16
CA ALA A 1184 -18.29 -14.95 2.95
C ALA A 1184 -19.31 -15.54 1.98
N TYR A 1185 -20.38 -16.11 2.51
CA TYR A 1185 -21.45 -16.68 1.68
C TYR A 1185 -22.10 -15.57 0.86
N ASN A 1186 -22.44 -14.48 1.52
CA ASN A 1186 -23.10 -13.41 0.79
C ASN A 1186 -22.20 -12.58 -0.12
N ILE A 1187 -20.93 -12.46 0.23
CA ILE A 1187 -20.01 -11.86 -0.71
C ILE A 1187 -20.00 -12.63 -2.04
N ALA A 1188 -20.08 -13.97 -1.96
CA ALA A 1188 -20.12 -14.83 -3.13
C ALA A 1188 -21.41 -14.68 -3.96
N ARG A 1189 -22.56 -14.61 -3.29
CA ARG A 1189 -23.85 -14.44 -3.98
C ARG A 1189 -23.94 -13.16 -4.82
N LYS A 1190 -23.27 -12.11 -4.37
CA LYS A 1190 -23.20 -10.90 -5.17
C LYS A 1190 -22.51 -11.15 -6.51
N VAL A 1191 -21.47 -12.00 -6.51
CA VAL A 1191 -20.88 -12.42 -7.77
C VAL A 1191 -21.86 -13.25 -8.57
N LEU A 1192 -22.62 -14.14 -7.92
CA LEU A 1192 -23.67 -14.87 -8.66
C LEU A 1192 -24.62 -13.89 -9.32
N TRP A 1193 -25.01 -12.86 -8.57
CA TRP A 1193 -25.81 -11.78 -9.13
C TRP A 1193 -25.14 -11.23 -10.38
N ALA A 1194 -23.84 -10.94 -10.30
CA ALA A 1194 -23.10 -10.39 -11.43
C ALA A 1194 -23.11 -11.36 -12.61
N ILE A 1195 -22.97 -12.65 -12.28
CA ILE A 1195 -22.98 -13.66 -13.31
C ILE A 1195 -24.33 -13.64 -13.99
N GLY A 1196 -25.37 -13.51 -13.20
CA GLY A 1196 -26.73 -13.38 -13.70
C GLY A 1196 -26.94 -12.26 -14.70
N GLN A 1197 -26.26 -11.12 -14.50
CA GLN A 1197 -26.29 -10.02 -15.47
C GLN A 1197 -25.60 -10.40 -16.79
N PHE A 1198 -24.59 -11.26 -16.71
CA PHE A 1198 -23.86 -11.63 -17.92
C PHE A 1198 -24.77 -12.48 -18.77
N LYS A 1199 -25.47 -13.39 -18.11
CA LYS A 1199 -26.38 -14.30 -18.77
C LYS A 1199 -27.50 -13.58 -19.49
N LYS A 1200 -27.65 -12.27 -19.24
CA LYS A 1200 -28.71 -11.46 -19.82
C LYS A 1200 -28.21 -10.66 -21.02
N ALA A 1201 -26.91 -10.63 -21.23
CA ALA A 1201 -26.34 -9.75 -22.25
C ALA A 1201 -25.90 -10.55 -23.47
N GLU A 1202 -25.72 -9.85 -24.58
CA GLU A 1202 -25.19 -10.48 -25.79
C GLU A 1202 -23.68 -10.59 -25.64
N ASP A 1203 -23.09 -11.58 -26.30
CA ASP A 1203 -21.65 -11.81 -26.26
C ASP A 1203 -20.78 -10.55 -26.42
N GLU A 1204 -21.16 -9.69 -27.36
CA GLU A 1204 -20.38 -8.48 -27.67
C GLU A 1204 -20.71 -7.32 -26.74
N LYS A 1205 -21.66 -7.51 -25.85
CA LYS A 1205 -22.02 -6.45 -24.90
C LYS A 1205 -21.43 -6.71 -23.53
N LEU A 1206 -20.95 -7.94 -23.33
CA LEU A 1206 -20.47 -8.43 -22.04
C LEU A 1206 -19.46 -7.49 -21.42
N ASP A 1207 -18.53 -7.03 -22.23
CA ASP A 1207 -17.50 -6.11 -21.79
C ASP A 1207 -18.09 -4.85 -21.12
N LYS A 1208 -19.32 -4.49 -21.49
CA LYS A 1208 -19.95 -3.26 -21.00
C LYS A 1208 -20.87 -3.38 -19.78
N VAL A 1209 -21.24 -4.61 -19.46
CA VAL A 1209 -22.17 -4.98 -18.38
C VAL A 1209 -21.64 -4.62 -17.01
N LYS A 1210 -22.53 -4.21 -16.12
CA LYS A 1210 -22.12 -3.71 -14.82
C LYS A 1210 -22.25 -4.70 -13.67
N ILE A 1211 -21.12 -4.86 -12.98
CA ILE A 1211 -20.98 -5.79 -11.88
C ILE A 1211 -21.33 -5.20 -10.53
N ALA A 1212 -21.54 -3.89 -10.49
CA ALA A 1212 -21.68 -3.20 -9.23
C ALA A 1212 -23.10 -3.25 -8.73
N ILE A 1213 -23.37 -4.28 -7.95
CA ILE A 1213 -24.70 -4.50 -7.44
C ILE A 1213 -25.04 -3.39 -6.45
N SER A 1214 -26.30 -2.97 -6.44
CA SER A 1214 -26.73 -1.81 -5.67
C SER A 1214 -27.56 -2.32 -4.53
N ASN A 1215 -27.49 -1.67 -3.38
CA ASN A 1215 -28.18 -2.29 -2.24
C ASN A 1215 -29.56 -2.78 -2.63
N LYS A 1216 -30.18 -2.04 -3.54
CA LYS A 1216 -31.51 -2.37 -4.01
C LYS A 1216 -31.52 -3.63 -4.90
N GLU A 1217 -30.58 -3.72 -5.84
CA GLU A 1217 -30.43 -4.96 -6.61
C GLU A 1217 -30.12 -6.14 -5.69
N TRP A 1218 -29.24 -5.92 -4.72
CA TRP A 1218 -28.80 -6.97 -3.82
C TRP A 1218 -29.97 -7.54 -3.04
N LEU A 1219 -30.75 -6.68 -2.42
CA LEU A 1219 -31.85 -7.18 -1.62
C LEU A 1219 -32.92 -7.83 -2.50
N GLU A 1220 -33.12 -7.32 -3.70
CA GLU A 1220 -34.02 -7.98 -4.64
C GLU A 1220 -33.53 -9.41 -4.91
N TYR A 1221 -32.24 -9.53 -5.24
CA TYR A 1221 -31.62 -10.83 -5.48
C TYR A 1221 -31.66 -11.72 -4.26
N ALA A 1222 -31.27 -11.20 -3.10
CA ALA A 1222 -31.19 -12.04 -1.90
C ALA A 1222 -32.57 -12.55 -1.51
N GLN A 1223 -33.60 -11.76 -1.78
CA GLN A 1223 -34.93 -12.07 -1.31
C GLN A 1223 -35.79 -12.87 -2.31
N THR A 1224 -35.46 -12.81 -3.61
CA THR A 1224 -36.22 -13.57 -4.61
C THR A 1224 -35.56 -14.89 -5.02
N SER A 1225 -34.25 -15.00 -4.82
CA SER A 1225 -33.49 -16.15 -5.32
C SER A 1225 -33.54 -17.36 -4.37
N VAL A 1226 -33.66 -17.07 -3.09
CA VAL A 1226 -33.85 -18.09 -2.06
C VAL A 1226 -34.95 -19.13 -2.38
N LYS A 1227 -36.03 -18.67 -3.01
CA LYS A 1227 -37.22 -19.51 -3.21
C LYS A 1227 -37.84 -19.91 -1.88
MG MG C . 10.82 -27.15 0.28
MG MG D . 12.10 -17.50 12.12
#